data_7LQ6
#
_entry.id   7LQ6
#
_entity_poly.entity_id   1
_entity_poly.type   'polypeptide(L)'
_entity_poly.pdbx_seq_one_letter_code
;KPRGKRGWLWLLLKLAIVFAVLIAIYGVYLDQKIRSRIDGKVWQLPAAVYGRMVNLEPDMTISKNEMVKLLEATQYRQVS
KMTRPGEFTVQANSIEMIRRPFDFPDSKEGQVRARLTFDGDHLATIVNMENNRQFGFFRLDPRLITMISSPNGEQRLFVP
RSGFPDLLVDTLLATEDRHFYEHDGISLYSIGRAVLANLTAGRTVQGASTLTQQLVKNLFLSSERSYWRKANEAYMALIM
DARYSKDRILELYMNEVYLGQSGDNEIRGFPLASLYYFGRPVEELSLDQQALLVGMVKGASIYNPWRNPKLALERRNLVL
RLLQQQQIIDQELYDMLSARPLGVQPRGGVISPQPAFMQLVRQELQAKLGDKVKDLSGVKIFTTFDSVAQDAAEKAAVEG
IPALKKQRKLSDLETAIVVVDRFSGEVRAMVGGSEPQFAGYNRAMQARRSIGSLAKPATYLTALSQPKIYRLNTWIADAP
IALRQPNGQVWSPQNDDRRYSESGRVMLVDALTRSMNVPTVNLGMALGLPAVTETWIKLGVPKDQLHPVPAMLLGALNLT
PIEVAQAFQTIASGGNRAPLSALRSVIAEDGKVLYQSFPQAERAVPAQAAYLTLWTMQQVVQRGTGRQLGAKYPNLHLAG
KTGTTNNNVDTWFAGIDGSTVTITWVGRDNNQPTKLYGASGAMSIYQRYLANQTPTPLNLVPPEDIADMGVDYDGNFVCS
GGMRILPVWTSDPQSLCQQSEMQQQPS
;
_entity_poly.pdbx_strand_id   A
#
# COMPACT_ATOMS: atom_id res chain seq x y z
N ILE A 25 -44.75 26.62 29.81
CA ILE A 25 -43.93 25.41 29.86
C ILE A 25 -42.95 25.42 28.69
N TYR A 26 -43.01 26.48 27.89
CA TYR A 26 -42.11 26.61 26.75
C TYR A 26 -40.65 26.69 27.21
N GLY A 27 -40.37 27.53 28.20
CA GLY A 27 -39.03 27.70 28.72
C GLY A 27 -38.44 26.44 29.30
N VAL A 28 -39.26 25.65 30.00
CA VAL A 28 -38.79 24.40 30.59
C VAL A 28 -38.57 23.36 29.51
N TYR A 29 -39.39 23.40 28.46
CA TYR A 29 -39.31 22.39 27.40
C TYR A 29 -38.01 22.52 26.61
N LEU A 30 -37.72 23.74 26.15
CA LEU A 30 -36.55 23.95 25.30
C LEU A 30 -35.25 23.66 26.05
N ASP A 31 -35.19 24.05 27.33
CA ASP A 31 -34.01 23.81 28.14
C ASP A 31 -33.68 22.32 28.20
N GLN A 32 -34.70 21.49 28.43
CA GLN A 32 -34.48 20.05 28.51
C GLN A 32 -34.07 19.48 27.15
N LYS A 33 -34.49 20.13 26.07
CA LYS A 33 -34.12 19.65 24.74
C LYS A 33 -32.70 20.04 24.39
N ILE A 34 -32.24 21.18 24.90
CA ILE A 34 -30.85 21.60 24.68
C ILE A 34 -29.89 20.59 25.28
N ARG A 35 -30.07 20.29 26.57
CA ARG A 35 -29.17 19.38 27.27
C ARG A 35 -29.17 17.99 26.63
N SER A 36 -30.27 17.64 25.96
CA SER A 36 -30.36 16.33 25.32
C SER A 36 -29.35 16.20 24.19
N ARG A 37 -29.32 17.18 23.29
CA ARG A 37 -28.38 17.13 22.18
C ARG A 37 -26.96 17.43 22.64
N ILE A 38 -26.80 18.40 23.54
CA ILE A 38 -25.47 18.79 24.02
C ILE A 38 -24.78 17.59 24.68
N ASP A 39 -25.50 16.79 25.44
CA ASP A 39 -24.94 15.61 26.07
C ASP A 39 -24.80 14.48 25.04
N GLY A 40 -23.94 13.52 25.35
CA GLY A 40 -23.62 12.46 24.43
C GLY A 40 -22.14 12.11 24.48
N LYS A 41 -21.40 12.80 25.34
CA LYS A 41 -19.97 12.57 25.50
C LYS A 41 -19.67 11.15 25.95
N TRP A 43 -16.19 12.83 26.42
CA TRP A 43 -15.51 12.54 25.17
C TRP A 43 -14.17 11.87 25.42
N GLN A 44 -13.54 11.37 24.36
CA GLN A 44 -12.26 10.70 24.46
C GLN A 44 -11.38 11.12 23.28
N LEU A 45 -10.09 10.78 23.38
CA LEU A 45 -9.14 11.05 22.31
C LEU A 45 -9.14 9.90 21.30
N PRO A 46 -8.75 10.17 20.07
CA PRO A 46 -8.66 9.09 19.08
C PRO A 46 -7.27 8.47 19.01
N ALA A 47 -7.21 7.31 18.40
CA ALA A 47 -5.95 6.63 18.14
C ALA A 47 -5.43 6.99 16.75
N ALA A 48 -4.14 7.23 16.65
CA ALA A 48 -3.50 7.59 15.39
C ALA A 48 -2.83 6.37 14.79
N VAL A 49 -2.97 6.21 13.47
CA VAL A 49 -2.42 5.08 12.75
C VAL A 49 -1.36 5.62 11.79
N TYR A 50 -0.10 5.27 12.01
CA TYR A 50 1.01 5.77 11.23
C TYR A 50 1.49 4.74 10.22
N GLY A 51 2.38 5.18 9.34
CA GLY A 51 3.01 4.33 8.35
C GLY A 51 4.36 3.84 8.79
N ARG A 52 5.18 3.48 7.80
CA ARG A 52 6.52 2.99 8.10
C ARG A 52 7.49 4.16 8.22
N MET A 53 8.65 3.88 8.82
CA MET A 53 9.65 4.89 9.11
C MET A 53 10.80 4.76 8.11
N VAL A 54 11.08 5.83 7.41
CA VAL A 54 12.23 5.91 6.52
C VAL A 54 13.40 6.51 7.28
N ASN A 55 14.59 6.00 7.02
CA ASN A 55 15.80 6.47 7.68
C ASN A 55 16.79 6.91 6.60
N LEU A 56 16.90 8.21 6.38
CA LEU A 56 17.85 8.74 5.42
C LEU A 56 19.26 8.61 5.97
N GLU A 57 20.21 8.35 5.07
CA GLU A 57 21.59 8.10 5.44
C GLU A 57 22.48 8.68 4.36
N PRO A 58 23.66 9.19 4.71
CA PRO A 58 24.58 9.69 3.70
C PRO A 58 25.02 8.57 2.76
N ASP A 59 25.21 8.93 1.48
CA ASP A 59 25.57 7.99 0.43
C ASP A 59 24.58 6.82 0.38
N MET A 60 23.33 7.17 0.08
CA MET A 60 22.23 6.23 -0.06
C MET A 60 21.61 6.43 -1.44
N THR A 61 21.12 5.34 -2.03
CA THR A 61 20.66 5.39 -3.41
C THR A 61 19.26 6.01 -3.51
N ILE A 62 19.20 7.33 -3.67
CA ILE A 62 17.94 8.04 -3.86
C ILE A 62 18.25 9.35 -4.55
N SER A 63 17.46 9.71 -5.56
CA SER A 63 17.70 10.92 -6.32
C SER A 63 16.91 12.08 -5.72
N LYS A 64 17.03 13.26 -6.33
CA LYS A 64 16.25 14.39 -5.86
C LYS A 64 14.78 14.22 -6.19
N ASN A 65 14.48 13.87 -7.44
CA ASN A 65 13.10 13.64 -7.83
C ASN A 65 12.53 12.39 -7.17
N GLU A 66 13.39 11.46 -6.76
CA GLU A 66 12.95 10.34 -5.96
C GLU A 66 12.73 10.71 -4.50
N MET A 67 13.34 11.80 -4.06
CA MET A 67 13.18 12.27 -2.68
C MET A 67 12.01 13.21 -2.51
N VAL A 68 11.68 14.01 -3.53
CA VAL A 68 10.50 14.86 -3.45
C VAL A 68 9.22 14.04 -3.46
N LYS A 69 9.18 12.93 -4.21
CA LYS A 69 8.02 12.06 -4.22
C LYS A 69 7.89 11.24 -2.94
N LEU A 70 8.95 11.16 -2.13
CA LEU A 70 8.85 10.53 -0.83
C LEU A 70 8.36 11.50 0.23
N LEU A 71 8.84 12.75 0.19
CA LEU A 71 8.36 13.75 1.15
C LEU A 71 6.92 14.11 0.87
N GLU A 72 6.56 14.28 -0.40
CA GLU A 72 5.17 14.62 -0.74
C GLU A 72 4.21 13.50 -0.37
N ALA A 73 4.72 12.28 -0.18
CA ALA A 73 3.89 11.17 0.27
C ALA A 73 3.85 11.04 1.78
N THR A 74 4.74 11.73 2.50
CA THR A 74 4.70 11.83 3.95
C THR A 74 3.96 13.08 4.40
N GLN A 75 3.15 13.66 3.52
CA GLN A 75 2.38 14.87 3.79
C GLN A 75 3.30 16.03 4.18
N TYR A 76 4.17 16.36 3.24
CA TYR A 76 5.08 17.50 3.39
C TYR A 76 4.73 18.53 2.32
N ARG A 77 4.25 19.68 2.76
CA ARG A 77 3.85 20.74 1.83
C ARG A 77 5.09 21.38 1.21
N GLN A 78 5.18 21.35 -0.12
CA GLN A 78 6.30 22.00 -0.80
C GLN A 78 5.97 23.47 -0.98
N VAL A 79 6.64 24.31 -0.19
CA VAL A 79 6.42 25.75 -0.25
C VAL A 79 7.66 26.41 -0.82
N SER A 80 7.57 27.72 -1.06
CA SER A 80 8.71 28.49 -1.55
C SER A 80 9.42 29.24 -0.44
N LYS A 81 8.86 29.26 0.78
CA LYS A 81 9.53 29.84 1.93
C LYS A 81 9.03 29.16 3.20
N MET A 82 9.80 28.20 3.72
CA MET A 82 9.34 27.43 4.87
C MET A 82 9.50 28.23 6.15
N THR A 83 8.46 28.21 6.98
CA THR A 83 8.50 28.91 8.26
C THR A 83 7.89 28.06 9.37
N ARG A 84 7.24 26.96 9.01
CA ARG A 84 6.49 26.17 9.97
C ARG A 84 6.78 24.69 9.75
N PRO A 85 6.84 23.90 10.84
CA PRO A 85 7.16 22.48 10.70
C PRO A 85 6.20 21.77 9.75
N GLY A 86 6.78 21.06 8.79
CA GLY A 86 6.02 20.35 7.78
C GLY A 86 6.15 20.90 6.39
N GLU A 87 6.97 21.93 6.17
CA GLU A 87 7.17 22.53 4.86
C GLU A 87 8.59 22.28 4.38
N PHE A 88 8.74 21.96 3.10
CA PHE A 88 10.05 21.73 2.53
C PHE A 88 10.14 22.48 1.21
N THR A 89 11.25 23.17 1.01
CA THR A 89 11.52 23.85 -0.25
C THR A 89 12.57 23.06 -1.03
N VAL A 90 12.66 23.33 -2.32
CA VAL A 90 13.57 22.63 -3.21
C VAL A 90 14.46 23.65 -3.89
N GLN A 91 15.74 23.32 -4.02
CA GLN A 91 16.72 24.27 -4.51
C GLN A 91 17.53 23.70 -5.66
N ALA A 92 18.62 24.37 -6.03
CA ALA A 92 19.43 24.03 -7.19
C ALA A 92 19.69 22.53 -7.31
N ASN A 93 20.40 21.94 -6.35
CA ASN A 93 20.63 20.52 -6.33
C ASN A 93 20.52 19.96 -4.92
N SER A 94 19.58 20.48 -4.13
CA SER A 94 19.42 20.05 -2.75
C SER A 94 17.96 20.21 -2.33
N ILE A 95 17.68 19.93 -1.07
CA ILE A 95 16.33 20.03 -0.50
C ILE A 95 16.42 20.52 0.93
N GLU A 96 15.93 21.73 1.19
CA GLU A 96 15.79 22.16 2.57
C GLU A 96 14.44 21.73 3.11
N MET A 97 14.38 21.46 4.41
CA MET A 97 13.12 21.02 5.01
C MET A 97 13.16 21.28 6.51
N ILE A 98 11.97 21.38 7.09
CA ILE A 98 11.80 21.56 8.53
C ILE A 98 11.01 20.34 9.00
N ARG A 99 11.71 19.33 9.52
CA ARG A 99 11.05 18.13 9.98
C ARG A 99 10.17 18.42 11.18
N ARG A 100 8.90 18.05 11.08
CA ARG A 100 7.97 18.31 12.17
C ARG A 100 8.32 17.44 13.37
N PRO A 101 8.07 17.91 14.58
CA PRO A 101 8.43 17.11 15.77
C PRO A 101 7.69 15.79 15.78
N PHE A 102 8.33 14.78 16.38
CA PHE A 102 7.70 13.48 16.53
C PHE A 102 8.26 12.80 17.76
N ASP A 103 7.47 11.90 18.35
CA ASP A 103 7.88 11.12 19.50
C ASP A 103 8.13 9.69 19.03
N PHE A 104 9.34 9.45 18.55
CA PHE A 104 9.69 8.15 18.01
C PHE A 104 9.72 7.10 19.12
N PRO A 105 9.43 5.84 18.79
CA PRO A 105 9.54 4.78 19.81
C PRO A 105 10.94 4.63 20.37
N ASP A 106 11.95 5.15 19.67
CA ASP A 106 13.31 5.14 20.19
C ASP A 106 13.52 6.30 21.16
N SER A 107 13.27 7.52 20.70
CA SER A 107 13.48 8.71 21.51
C SER A 107 12.50 9.79 21.09
N LYS A 108 12.47 10.87 21.86
CA LYS A 108 11.62 12.00 21.53
C LYS A 108 12.45 13.11 20.88
N GLU A 109 12.00 13.59 19.74
CA GLU A 109 12.73 14.57 18.96
C GLU A 109 11.84 15.74 18.60
N GLY A 110 12.48 16.87 18.28
CA GLY A 110 11.77 18.08 17.90
C GLY A 110 12.07 18.50 16.48
N GLN A 111 11.94 19.80 16.19
CA GLN A 111 12.22 20.29 14.86
C GLN A 111 13.67 20.03 14.48
N VAL A 112 13.91 19.87 13.18
CA VAL A 112 15.26 19.77 12.61
C VAL A 112 15.21 20.46 11.26
N ARG A 113 16.13 21.39 11.03
CA ARG A 113 16.24 22.10 9.76
C ARG A 113 17.41 21.50 8.99
N ALA A 114 17.14 20.47 8.20
CA ALA A 114 18.18 19.75 7.47
C ALA A 114 18.21 20.18 6.01
N ARG A 115 19.40 20.17 5.43
CA ARG A 115 19.60 20.46 4.00
C ARG A 115 20.22 19.23 3.37
N LEU A 116 19.42 18.47 2.64
CA LEU A 116 19.87 17.24 2.01
C LEU A 116 20.51 17.58 0.67
N THR A 117 21.85 17.66 0.64
CA THR A 117 22.55 17.92 -0.60
C THR A 117 22.74 16.63 -1.37
N PHE A 118 22.37 16.65 -2.65
CA PHE A 118 22.42 15.46 -3.48
C PHE A 118 23.66 15.47 -4.36
N ASP A 119 23.96 14.30 -4.92
CA ASP A 119 25.14 14.08 -5.75
C ASP A 119 24.77 13.26 -6.97
N GLY A 120 23.67 13.60 -7.63
CA GLY A 120 23.24 12.86 -8.79
C GLY A 120 22.25 11.76 -8.45
N ASP A 121 22.74 10.53 -8.32
CA ASP A 121 21.90 9.38 -8.07
C ASP A 121 21.97 8.92 -6.61
N HIS A 122 22.58 9.72 -5.74
CA HIS A 122 22.69 9.36 -4.34
C HIS A 122 22.66 10.61 -3.47
N LEU A 123 22.62 10.39 -2.16
CA LEU A 123 22.50 11.47 -1.19
C LEU A 123 23.86 11.73 -0.57
N ALA A 124 24.36 12.96 -0.72
CA ALA A 124 25.71 13.26 -0.24
C ALA A 124 25.74 13.56 1.26
N THR A 125 25.09 14.64 1.69
CA THR A 125 25.17 15.10 3.06
C THR A 125 23.78 15.48 3.58
N ILE A 126 23.65 15.47 4.90
CA ILE A 126 22.41 15.83 5.58
C ILE A 126 22.68 16.99 6.55
N VAL A 127 23.57 17.91 6.13
CA VAL A 127 23.98 19.03 6.96
C VAL A 127 22.78 19.65 7.68
N ASN A 128 22.94 19.90 8.97
CA ASN A 128 21.91 20.53 9.80
C ASN A 128 22.06 22.04 9.64
N MET A 129 21.01 22.69 9.16
CA MET A 129 21.11 24.10 8.78
C MET A 129 21.33 25.00 9.98
N GLU A 130 20.94 24.54 11.18
CA GLU A 130 20.96 25.40 12.35
C GLU A 130 22.39 25.79 12.72
N ASN A 131 23.33 24.85 12.65
CA ASN A 131 24.72 25.15 13.02
C ASN A 131 25.71 24.51 12.04
N ASN A 132 25.26 24.13 10.86
CA ASN A 132 26.10 23.53 9.82
C ASN A 132 26.83 22.30 10.35
N ARG A 133 26.12 21.50 11.12
CA ARG A 133 26.64 20.24 11.63
C ARG A 133 26.39 19.15 10.61
N GLN A 134 26.72 17.90 10.96
CA GLN A 134 26.46 16.76 10.11
C GLN A 134 25.54 15.81 10.85
N PHE A 135 24.96 14.88 10.08
CA PHE A 135 24.02 13.91 10.63
C PHE A 135 24.49 12.51 10.32
N GLY A 136 24.52 11.66 11.35
CA GLY A 136 24.78 10.26 11.13
C GLY A 136 23.72 9.62 10.26
N PHE A 137 22.47 9.62 10.72
CA PHE A 137 21.36 9.20 9.87
C PHE A 137 20.14 10.02 10.28
N PHE A 138 19.46 10.60 9.30
CA PHE A 138 18.35 11.51 9.53
C PHE A 138 17.05 10.73 9.50
N ARG A 139 16.35 10.71 10.64
CA ARG A 139 15.09 9.94 10.75
C ARG A 139 13.92 10.79 10.24
N LEU A 140 12.98 10.14 9.55
CA LEU A 140 11.78 10.78 9.01
C LEU A 140 10.58 10.29 9.80
N ASP A 141 9.68 11.20 10.15
CA ASP A 141 8.49 10.82 10.88
C ASP A 141 7.54 10.08 9.94
N PRO A 142 6.79 9.11 10.43
CA PRO A 142 5.85 8.40 9.56
C PRO A 142 4.65 9.27 9.20
N ARG A 143 3.92 8.84 8.19
CA ARG A 143 2.74 9.58 7.74
C ARG A 143 1.54 9.12 8.55
N LEU A 144 0.56 10.01 8.70
CA LEU A 144 -0.67 9.68 9.40
C LEU A 144 -1.66 9.06 8.43
N ILE A 145 -1.92 7.76 8.55
CA ILE A 145 -2.87 7.12 7.65
C ILE A 145 -4.28 7.58 7.96
N THR A 146 -4.71 7.43 9.21
CA THR A 146 -6.04 7.83 9.63
C THR A 146 -6.09 7.87 11.15
N MET A 147 -7.14 8.47 11.67
CA MET A 147 -7.43 8.41 13.10
C MET A 147 -8.69 7.61 13.35
N ILE A 148 -8.62 6.71 14.32
CA ILE A 148 -9.73 5.86 14.70
C ILE A 148 -10.06 6.11 16.16
N SER A 149 -11.35 6.12 16.47
CA SER A 149 -11.81 6.39 17.83
C SER A 149 -12.58 5.21 18.38
N SER A 150 -13.28 4.49 17.52
CA SER A 150 -14.03 3.31 17.92
C SER A 150 -13.45 2.04 17.29
N GLN A 155 -17.36 9.22 13.86
CA GLN A 155 -16.16 9.85 14.38
C GLN A 155 -16.48 10.68 15.61
N ARG A 156 -15.71 10.49 16.68
CA ARG A 156 -15.89 11.29 17.88
C ARG A 156 -15.20 12.63 17.72
N LEU A 157 -13.87 12.60 17.62
CA LEU A 157 -13.04 13.76 17.30
C LEU A 157 -13.52 15.03 18.00
N PHE A 158 -13.55 14.95 19.33
CA PHE A 158 -13.91 16.13 20.12
C PHE A 158 -12.69 16.79 20.74
N VAL A 159 -12.01 17.64 19.96
CA VAL A 159 -10.89 18.42 20.48
C VAL A 159 -11.44 19.46 21.46
N PRO A 160 -10.92 19.51 22.69
CA PRO A 160 -11.43 20.47 23.68
C PRO A 160 -11.19 21.91 23.29
N ARG A 161 -11.68 22.84 24.11
CA ARG A 161 -11.54 24.26 23.82
C ARG A 161 -10.08 24.72 23.87
N SER A 162 -9.22 23.98 24.56
CA SER A 162 -7.80 24.32 24.64
C SER A 162 -6.95 23.59 23.61
N GLY A 163 -7.53 22.70 22.82
CA GLY A 163 -6.82 22.00 21.78
C GLY A 163 -6.82 22.65 20.43
N PHE A 164 -7.46 23.79 20.30
CA PHE A 164 -7.47 24.52 19.03
C PHE A 164 -6.36 25.58 19.04
N PRO A 165 -5.72 25.82 17.90
CA PRO A 165 -4.68 26.86 17.84
C PRO A 165 -5.23 28.21 18.31
N ASP A 166 -4.31 29.08 18.73
CA ASP A 166 -4.74 30.40 19.21
C ASP A 166 -5.13 31.31 18.06
N LEU A 167 -4.57 31.09 16.87
CA LEU A 167 -4.96 31.89 15.72
C LEU A 167 -6.19 31.31 15.02
N LEU A 168 -6.72 30.19 15.51
CA LEU A 168 -7.94 29.65 14.91
C LEU A 168 -9.17 30.37 15.41
N VAL A 169 -9.35 30.45 16.74
CA VAL A 169 -10.47 31.20 17.29
C VAL A 169 -10.39 32.66 16.86
N ASP A 170 -9.18 33.21 16.81
CA ASP A 170 -9.03 34.61 16.41
C ASP A 170 -9.29 34.80 14.92
N THR A 171 -9.19 33.71 14.15
CA THR A 171 -9.46 33.77 12.69
C THR A 171 -10.95 33.55 12.46
N LEU A 172 -11.64 32.94 13.43
CA LEU A 172 -13.09 32.66 13.31
C LEU A 172 -13.89 33.85 13.87
N LEU A 173 -13.13 34.51 14.76
CA LEU A 173 -13.76 35.73 15.29
C LEU A 173 -13.58 36.93 14.36
N ALA A 174 -12.45 36.96 13.64
CA ALA A 174 -12.18 38.06 12.69
C ALA A 174 -13.17 37.99 11.51
N THR A 175 -13.76 36.82 11.27
CA THR A 175 -14.74 36.61 10.17
C THR A 175 -16.08 36.15 10.76
N GLU A 176 -16.22 36.22 12.09
CA GLU A 176 -17.47 35.82 12.79
C GLU A 176 -17.39 36.32 14.25
N ASP A 177 -17.60 37.64 14.43
CA ASP A 177 -17.44 38.33 15.74
C ASP A 177 -18.37 37.76 16.81
N ARG A 178 -17.88 36.78 17.58
CA ARG A 178 -18.67 36.15 18.67
C ARG A 178 -18.13 36.64 20.03
N HIS A 179 -18.05 37.96 20.21
CA HIS A 179 -17.54 38.56 21.47
C HIS A 179 -18.29 37.94 22.67
N THR A 210 -24.48 36.42 17.71
CA THR A 210 -23.69 36.22 16.50
C THR A 210 -23.26 34.75 16.45
N LEU A 211 -22.65 34.22 17.51
CA LEU A 211 -22.24 32.82 17.50
C LEU A 211 -23.28 31.90 18.13
N THR A 212 -24.23 32.45 18.89
CA THR A 212 -25.21 31.61 19.57
C THR A 212 -26.28 31.12 18.60
N GLN A 213 -26.73 32.00 17.69
CA GLN A 213 -27.72 31.59 16.70
C GLN A 213 -27.11 30.61 15.71
N GLN A 214 -25.89 30.89 15.24
CA GLN A 214 -25.23 30.01 14.28
C GLN A 214 -25.11 28.59 14.82
N LEU A 215 -24.92 28.46 16.13
CA LEU A 215 -24.81 27.13 16.74
C LEU A 215 -26.11 26.35 16.59
N VAL A 216 -27.25 26.99 16.87
CA VAL A 216 -28.52 26.29 16.83
C VAL A 216 -28.90 25.87 15.42
N LYS A 217 -28.49 26.66 14.41
CA LYS A 217 -28.82 26.32 13.04
C LYS A 217 -28.14 25.03 12.60
N ASN A 218 -26.87 24.85 12.96
CA ASN A 218 -26.16 23.62 12.61
C ASN A 218 -26.59 22.46 13.49
N LEU A 219 -26.79 22.72 14.78
CA LEU A 219 -27.01 21.65 15.74
C LEU A 219 -28.42 21.07 15.63
N PHE A 220 -29.44 21.92 15.80
CA PHE A 220 -30.82 21.45 15.84
C PHE A 220 -31.45 21.38 14.45
N LEU A 221 -31.27 22.41 13.62
CA LEU A 221 -31.81 22.39 12.28
C LEU A 221 -30.86 21.61 11.35
N SER A 222 -31.20 21.58 10.07
CA SER A 222 -30.41 20.86 9.08
C SER A 222 -29.05 21.50 8.90
N ARG A 229 -38.92 27.51 10.73
CA ARG A 229 -38.97 27.38 12.18
C ARG A 229 -38.26 28.56 12.83
N LYS A 230 -38.64 29.76 12.42
CA LYS A 230 -37.97 30.98 12.88
C LYS A 230 -38.19 31.21 14.37
N ALA A 231 -39.26 30.63 14.92
CA ALA A 231 -39.60 30.87 16.31
C ALA A 231 -38.70 30.07 17.25
N ASN A 232 -38.52 28.78 16.96
CA ASN A 232 -37.82 27.89 17.88
C ASN A 232 -36.35 28.27 18.01
N GLU A 233 -35.63 28.31 16.88
CA GLU A 233 -34.19 28.53 16.92
C GLU A 233 -33.85 29.92 17.47
N ALA A 234 -34.72 30.90 17.23
CA ALA A 234 -34.48 32.24 17.75
C ALA A 234 -34.63 32.26 19.27
N TYR A 235 -35.68 31.62 19.79
CA TYR A 235 -35.84 31.51 21.23
C TYR A 235 -34.77 30.60 21.83
N MET A 236 -34.34 29.60 21.07
CA MET A 236 -33.27 28.71 21.52
C MET A 236 -31.99 29.49 21.84
N ALA A 237 -31.64 30.44 20.96
CA ALA A 237 -30.38 31.15 21.12
C ALA A 237 -30.40 32.08 22.34
N LEU A 238 -31.57 32.63 22.67
CA LEU A 238 -31.65 33.56 23.79
C LEU A 238 -31.41 32.86 25.11
N ILE A 239 -31.89 31.62 25.27
CA ILE A 239 -31.69 30.88 26.51
C ILE A 239 -30.37 30.13 26.56
N MET A 240 -29.72 29.93 25.40
CA MET A 240 -28.42 29.27 25.40
C MET A 240 -27.31 30.26 25.75
N ASP A 241 -27.56 31.54 25.53
CA ASP A 241 -26.54 32.56 25.77
C ASP A 241 -26.23 32.73 27.26
N ALA A 242 -27.25 32.71 28.13
CA ALA A 242 -27.02 32.98 29.54
C ALA A 242 -26.74 31.70 30.31
N ARG A 243 -27.38 30.59 29.92
CA ARG A 243 -27.21 29.34 30.66
C ARG A 243 -25.79 28.78 30.52
N TYR A 244 -25.17 28.94 29.36
CA TYR A 244 -23.83 28.42 29.11
C TYR A 244 -22.83 29.57 28.99
N SER A 245 -21.60 29.30 29.43
CA SER A 245 -20.54 30.29 29.34
C SER A 245 -20.08 30.46 27.89
N LYS A 246 -19.51 31.63 27.60
CA LYS A 246 -19.12 31.93 26.23
C LYS A 246 -17.92 31.10 25.78
N ASP A 247 -17.29 30.36 26.70
CA ASP A 247 -16.22 29.46 26.31
C ASP A 247 -16.74 28.03 26.13
N ARG A 248 -17.93 27.74 26.67
CA ARG A 248 -18.58 26.48 26.39
C ARG A 248 -19.36 26.54 25.09
N ILE A 249 -19.68 27.77 24.64
CA ILE A 249 -20.44 27.92 23.40
C ILE A 249 -19.59 27.52 22.19
N LEU A 250 -18.45 28.19 22.00
CA LEU A 250 -17.67 27.95 20.80
C LEU A 250 -17.07 26.56 20.77
N GLU A 251 -16.79 25.97 21.93
CA GLU A 251 -16.29 24.60 21.96
C GLU A 251 -17.28 23.65 21.31
N LEU A 252 -18.57 23.94 21.43
CA LEU A 252 -19.59 23.15 20.73
C LEU A 252 -19.73 23.59 19.27
N TYR A 253 -19.44 24.86 18.98
CA TYR A 253 -19.55 25.34 17.61
C TYR A 253 -18.46 24.74 16.74
N MET A 254 -17.20 24.99 17.09
CA MET A 254 -16.08 24.54 16.25
C MET A 254 -16.07 23.04 16.06
N ASN A 255 -16.74 22.29 16.94
CA ASN A 255 -16.81 20.85 16.80
C ASN A 255 -18.06 20.39 16.06
N GLU A 256 -18.89 21.31 15.56
CA GLU A 256 -20.13 20.95 14.89
C GLU A 256 -20.42 21.76 13.64
N VAL A 257 -19.58 22.71 13.24
CA VAL A 257 -19.85 23.50 12.05
C VAL A 257 -19.95 22.59 10.84
N TYR A 258 -20.85 22.91 9.92
CA TYR A 258 -20.93 22.19 8.66
C TYR A 258 -19.95 22.82 7.67
N LEU A 259 -18.90 22.09 7.33
CA LEU A 259 -17.83 22.61 6.48
C LEU A 259 -17.74 21.96 5.11
N GLY A 260 -18.47 20.89 4.84
CA GLY A 260 -18.40 20.28 3.53
C GLY A 260 -19.27 19.05 3.45
N GLN A 261 -19.36 18.54 2.23
CA GLN A 261 -20.15 17.34 1.93
C GLN A 261 -19.32 16.40 1.07
N SER A 262 -19.32 15.13 1.42
CA SER A 262 -18.63 14.09 0.65
C SER A 262 -19.58 12.92 0.48
N GLY A 263 -20.02 12.69 -0.76
CA GLY A 263 -20.97 11.62 -1.03
C GLY A 263 -22.28 11.87 -0.33
N ASP A 264 -22.56 11.08 0.70
CA ASP A 264 -23.73 11.28 1.56
C ASP A 264 -23.34 11.57 3.00
N ASN A 265 -22.05 11.50 3.33
CA ASN A 265 -21.61 11.77 4.68
C ASN A 265 -21.33 13.26 4.88
N GLU A 266 -21.72 13.77 6.02
CA GLU A 266 -21.57 15.18 6.36
C GLU A 266 -20.26 15.42 7.08
N ILE A 267 -19.45 16.32 6.54
CA ILE A 267 -18.20 16.75 7.17
C ILE A 267 -18.55 17.84 8.16
N ARG A 268 -18.49 17.51 9.45
CA ARG A 268 -18.87 18.46 10.48
C ARG A 268 -17.74 18.66 11.47
N GLY A 269 -17.49 19.91 11.82
CA GLY A 269 -16.49 20.25 12.80
C GLY A 269 -15.16 20.64 12.18
N PHE A 270 -14.37 21.42 12.90
CA PHE A 270 -13.01 21.69 12.45
C PHE A 270 -12.07 20.51 12.60
N PRO A 271 -12.16 19.66 13.66
CA PRO A 271 -11.28 18.48 13.71
C PRO A 271 -11.42 17.55 12.51
N LEU A 272 -12.65 17.13 12.21
CA LEU A 272 -12.86 16.17 11.13
C LEU A 272 -12.69 16.81 9.76
N ALA A 273 -12.83 18.13 9.67
CA ALA A 273 -12.61 18.79 8.38
C ALA A 273 -11.13 19.07 8.15
N SER A 274 -10.32 19.08 9.22
CA SER A 274 -8.88 19.24 9.03
C SER A 274 -8.28 18.00 8.40
N LEU A 275 -8.68 16.82 8.90
CA LEU A 275 -8.18 15.58 8.33
C LEU A 275 -8.72 15.36 6.92
N TYR A 276 -9.97 15.73 6.67
CA TYR A 276 -10.56 15.51 5.36
C TYR A 276 -9.89 16.36 4.28
N TYR A 277 -9.59 17.62 4.60
CA TYR A 277 -9.08 18.53 3.58
C TYR A 277 -7.56 18.54 3.49
N PHE A 278 -6.85 18.37 4.61
CA PHE A 278 -5.40 18.43 4.62
C PHE A 278 -4.72 17.14 5.06
N GLY A 279 -5.46 16.27 5.75
CA GLY A 279 -4.95 14.98 6.22
C GLY A 279 -4.02 15.13 7.42
N ARG A 280 -4.19 16.19 8.21
CA ARG A 280 -3.32 16.41 9.40
C ARG A 280 -4.16 16.96 10.56
N PRO A 281 -3.75 16.75 11.83
CA PRO A 281 -4.50 17.24 13.00
C PRO A 281 -4.70 18.77 12.99
N VAL A 282 -5.82 19.24 13.57
CA VAL A 282 -6.14 20.66 13.57
C VAL A 282 -5.12 21.49 14.34
N GLU A 283 -4.34 20.88 15.22
CA GLU A 283 -3.33 21.65 15.92
C GLU A 283 -2.13 22.01 15.05
N GLU A 284 -2.04 21.46 13.84
CA GLU A 284 -0.92 21.71 12.95
C GLU A 284 -1.30 22.48 11.69
N LEU A 285 -2.39 23.25 11.74
CA LEU A 285 -2.82 23.97 10.55
C LEU A 285 -2.03 25.25 10.37
N SER A 286 -1.54 25.46 9.13
CA SER A 286 -0.83 26.68 8.80
C SER A 286 -1.82 27.83 8.61
N LEU A 287 -1.34 29.04 8.89
CA LEU A 287 -2.23 30.20 8.93
C LEU A 287 -2.88 30.48 7.58
N ASP A 288 -2.32 29.94 6.49
CA ASP A 288 -3.01 30.04 5.21
C ASP A 288 -3.94 28.86 4.98
N GLN A 289 -3.89 27.85 5.84
CA GLN A 289 -4.84 26.75 5.76
C GLN A 289 -6.00 26.97 6.72
N GLN A 290 -5.79 27.74 7.79
CA GLN A 290 -6.88 28.10 8.68
C GLN A 290 -7.82 29.09 8.02
N ALA A 291 -7.29 29.93 7.12
CA ALA A 291 -8.14 30.89 6.43
C ALA A 291 -9.01 30.21 5.39
N LEU A 292 -8.51 29.13 4.77
CA LEU A 292 -9.33 28.37 3.83
C LEU A 292 -10.45 27.64 4.56
N LEU A 293 -10.13 27.03 5.70
CA LEU A 293 -11.12 26.26 6.44
C LEU A 293 -12.14 27.16 7.13
N VAL A 294 -11.75 28.39 7.47
CA VAL A 294 -12.69 29.34 8.03
C VAL A 294 -13.48 30.03 6.92
N GLY A 295 -12.86 30.26 5.78
CA GLY A 295 -13.57 30.87 4.67
C GLY A 295 -14.62 29.97 4.05
N MET A 296 -14.59 28.67 4.40
CA MET A 296 -15.56 27.71 3.89
C MET A 296 -16.69 27.43 4.88
N VAL A 297 -16.92 28.33 5.84
CA VAL A 297 -18.10 28.18 6.68
C VAL A 297 -19.36 28.63 5.94
N LYS A 298 -19.22 29.56 5.00
CA LYS A 298 -20.29 29.98 4.11
C LYS A 298 -20.10 29.35 2.74
N GLY A 299 -19.50 28.16 2.74
CA GLY A 299 -19.15 27.43 1.54
C GLY A 299 -20.01 26.21 1.36
N ALA A 300 -19.51 25.05 1.80
CA ALA A 300 -20.29 23.82 1.79
C ALA A 300 -20.71 23.42 0.38
N SER A 301 -19.75 23.00 -0.43
CA SER A 301 -19.96 22.50 -1.79
C SER A 301 -20.22 23.64 -2.77
N ILE A 302 -19.78 24.85 -2.39
CA ILE A 302 -19.67 25.97 -3.32
C ILE A 302 -18.23 26.46 -3.27
N TYR A 303 -17.72 26.71 -2.07
CA TYR A 303 -16.39 27.26 -1.87
C TYR A 303 -15.34 26.19 -1.60
N ASN A 304 -15.59 24.94 -1.97
CA ASN A 304 -14.61 23.91 -1.66
C ASN A 304 -13.74 23.58 -2.88
N PRO A 305 -12.51 23.14 -2.65
CA PRO A 305 -11.65 22.76 -3.77
C PRO A 305 -12.11 21.45 -4.41
N TRP A 306 -11.36 21.04 -5.43
CA TRP A 306 -11.62 19.82 -6.21
C TRP A 306 -12.85 20.00 -7.10
N ARG A 307 -13.52 21.12 -6.91
CA ARG A 307 -14.65 21.44 -7.79
C ARG A 307 -14.29 22.78 -8.41
N ASN A 308 -14.03 23.78 -7.55
CA ASN A 308 -13.79 25.16 -7.97
C ASN A 308 -12.50 25.65 -7.33
N PRO A 309 -11.35 25.07 -7.68
CA PRO A 309 -10.10 25.49 -7.03
C PRO A 309 -9.58 26.82 -7.59
N LYS A 310 -10.51 27.74 -7.82
CA LYS A 310 -10.20 29.11 -8.18
C LYS A 310 -11.08 30.03 -7.35
N LEU A 311 -12.19 29.48 -6.87
CA LEU A 311 -13.12 30.20 -6.00
C LEU A 311 -12.80 30.03 -4.53
N ALA A 312 -12.39 28.84 -4.12
CA ALA A 312 -11.87 28.66 -2.78
C ALA A 312 -10.60 29.47 -2.55
N LEU A 313 -9.88 29.79 -3.64
CA LEU A 313 -8.64 30.54 -3.54
C LEU A 313 -8.88 32.04 -3.35
N GLU A 314 -9.86 32.61 -4.06
CA GLU A 314 -10.21 34.00 -3.83
C GLU A 314 -10.99 34.21 -2.54
N ARG A 315 -11.54 33.13 -1.97
CA ARG A 315 -12.11 33.22 -0.63
C ARG A 315 -11.04 33.06 0.43
N ARG A 316 -10.00 32.26 0.14
CA ARG A 316 -8.87 32.15 1.04
C ARG A 316 -8.16 33.49 1.18
N ASN A 317 -7.86 34.14 0.07
CA ASN A 317 -7.19 35.44 0.13
C ASN A 317 -8.09 36.50 0.74
N LEU A 318 -9.41 36.32 0.66
CA LEU A 318 -10.32 37.31 1.23
C LEU A 318 -10.29 37.28 2.75
N VAL A 319 -10.27 36.07 3.33
CA VAL A 319 -10.22 35.96 4.78
C VAL A 319 -8.88 36.47 5.31
N LEU A 320 -7.81 36.34 4.53
CA LEU A 320 -6.51 36.85 4.96
C LEU A 320 -6.54 38.36 5.11
N ARG A 321 -7.01 39.07 4.08
CA ARG A 321 -7.08 40.52 4.17
C ARG A 321 -8.23 41.00 5.04
N LEU A 322 -9.13 40.10 5.45
CA LEU A 322 -10.14 40.46 6.44
C LEU A 322 -9.58 40.34 7.85
N LEU A 323 -8.68 39.37 8.06
CA LEU A 323 -8.08 39.14 9.35
C LEU A 323 -6.78 39.91 9.55
N GLN A 324 -6.24 40.55 8.51
CA GLN A 324 -5.11 41.45 8.68
C GLN A 324 -5.55 42.88 8.99
N GLN A 325 -6.85 43.14 9.04
CA GLN A 325 -7.34 44.47 9.39
C GLN A 325 -7.07 44.73 10.87
N GLN A 326 -7.64 43.89 11.74
CA GLN A 326 -7.15 43.85 13.11
C GLN A 326 -5.77 43.19 13.07
N GLN A 327 -4.73 44.01 13.13
CA GLN A 327 -3.40 43.62 12.69
C GLN A 327 -2.86 42.40 13.43
N ILE A 328 -2.73 41.29 12.73
CA ILE A 328 -2.02 40.11 13.23
C ILE A 328 -1.15 39.55 12.11
N ILE A 329 -1.25 40.15 10.93
CA ILE A 329 -0.40 39.80 9.79
C ILE A 329 0.03 41.08 9.10
N ASP A 330 1.33 41.24 8.91
CA ASP A 330 1.87 42.40 8.21
C ASP A 330 1.86 42.14 6.72
N GLN A 331 2.23 43.17 5.95
CA GLN A 331 2.16 43.07 4.49
C GLN A 331 3.15 42.05 3.95
N GLU A 332 4.29 41.86 4.64
CA GLU A 332 5.25 40.86 4.19
C GLU A 332 4.72 39.45 4.40
N LEU A 333 4.00 39.21 5.50
CA LEU A 333 3.45 37.89 5.76
C LEU A 333 2.24 37.63 4.87
N TYR A 334 1.49 38.67 4.52
CA TYR A 334 0.32 38.48 3.66
C TYR A 334 0.73 38.05 2.27
N ASP A 335 1.65 38.79 1.65
CA ASP A 335 2.12 38.43 0.31
C ASP A 335 2.74 37.03 0.31
N MET A 336 3.33 36.63 1.44
CA MET A 336 3.88 35.30 1.57
C MET A 336 2.78 34.24 1.54
N LEU A 337 1.78 34.40 2.42
CA LEU A 337 0.72 33.40 2.54
C LEU A 337 -0.25 33.46 1.37
N SER A 338 -0.48 34.65 0.80
CA SER A 338 -1.42 34.77 -0.29
C SER A 338 -0.94 34.10 -1.56
N ALA A 339 0.36 33.77 -1.65
CA ALA A 339 0.91 33.15 -2.84
C ALA A 339 0.95 31.64 -2.76
N ARG A 340 0.81 31.06 -1.57
CA ARG A 340 0.81 29.61 -1.44
C ARG A 340 -0.47 29.04 -2.01
N PRO A 341 -0.40 28.02 -2.86
CA PRO A 341 -1.63 27.44 -3.43
C PRO A 341 -2.44 26.71 -2.38
N LEU A 342 -3.56 26.12 -2.78
CA LEU A 342 -4.39 25.37 -1.85
C LEU A 342 -3.60 24.22 -1.27
N GLY A 343 -3.50 24.18 0.05
CA GLY A 343 -2.77 23.11 0.71
C GLY A 343 -3.48 21.79 0.78
N VAL A 344 -4.65 21.67 0.13
CA VAL A 344 -5.45 20.47 0.24
C VAL A 344 -4.71 19.30 -0.41
N GLN A 345 -4.97 18.10 0.09
CA GLN A 345 -4.37 16.90 -0.47
C GLN A 345 -4.87 16.70 -1.90
N PRO A 346 -4.00 16.87 -2.90
CA PRO A 346 -4.47 16.92 -4.29
C PRO A 346 -4.84 15.55 -4.86
N ARG A 347 -5.69 14.82 -4.16
CA ARG A 347 -6.14 13.52 -4.63
C ARG A 347 -7.65 13.38 -4.48
N GLY A 348 -8.23 14.18 -3.58
CA GLY A 348 -9.62 14.03 -3.20
C GLY A 348 -9.73 13.47 -1.80
N GLY A 349 -10.14 14.32 -0.85
CA GLY A 349 -10.19 13.88 0.53
C GLY A 349 -11.17 12.75 0.73
N VAL A 350 -10.88 11.89 1.71
CA VAL A 350 -11.73 10.76 2.06
C VAL A 350 -12.00 10.82 3.55
N ILE A 351 -13.22 10.41 3.93
CA ILE A 351 -13.58 10.35 5.34
C ILE A 351 -12.79 9.25 6.05
N SER A 352 -12.73 8.06 5.43
CA SER A 352 -11.96 6.95 5.95
C SER A 352 -10.94 6.55 4.89
N PRO A 353 -9.71 7.03 5.00
CA PRO A 353 -8.71 6.76 3.96
C PRO A 353 -8.07 5.39 4.14
N GLN A 354 -7.56 4.87 3.01
CA GLN A 354 -6.96 3.54 2.89
C GLN A 354 -7.89 2.49 3.49
N PRO A 355 -9.05 2.23 2.89
CA PRO A 355 -9.96 1.25 3.47
C PRO A 355 -9.53 -0.19 3.23
N ALA A 356 -8.80 -0.46 2.15
CA ALA A 356 -8.38 -1.83 1.88
C ALA A 356 -7.29 -2.27 2.84
N PHE A 357 -6.30 -1.42 3.10
CA PHE A 357 -5.24 -1.76 4.04
C PHE A 357 -5.74 -1.80 5.47
N MET A 358 -6.60 -0.85 5.85
CA MET A 358 -7.03 -0.75 7.24
C MET A 358 -7.92 -1.90 7.67
N GLN A 359 -8.39 -2.73 6.74
CA GLN A 359 -9.05 -3.97 7.13
C GLN A 359 -8.04 -4.96 7.66
N LEU A 360 -6.82 -4.97 7.10
CA LEU A 360 -5.78 -5.88 7.55
C LEU A 360 -5.25 -5.46 8.92
N VAL A 361 -5.31 -4.16 9.23
CA VAL A 361 -4.79 -3.68 10.51
C VAL A 361 -5.77 -3.99 11.63
N ARG A 362 -7.05 -3.66 11.43
CA ARG A 362 -8.05 -3.92 12.47
C ARG A 362 -8.18 -5.42 12.74
N GLN A 363 -8.03 -6.26 11.72
CA GLN A 363 -7.96 -7.69 11.95
C GLN A 363 -6.70 -8.06 12.73
N GLU A 364 -5.59 -7.40 12.42
CA GLU A 364 -4.34 -7.66 13.13
C GLU A 364 -4.38 -7.12 14.55
N LEU A 365 -5.13 -6.04 14.77
CA LEU A 365 -5.24 -5.46 16.11
C LEU A 365 -6.11 -6.33 17.00
N GLN A 366 -7.17 -6.91 16.44
CA GLN A 366 -8.06 -7.75 17.23
C GLN A 366 -7.37 -9.02 17.69
N ALA A 367 -6.53 -9.59 16.82
CA ALA A 367 -5.88 -10.86 17.16
C ALA A 367 -4.68 -10.65 18.07
N LYS A 368 -3.82 -9.67 17.75
CA LYS A 368 -2.58 -9.48 18.48
C LYS A 368 -2.79 -8.87 19.86
N LEU A 369 -3.85 -8.08 20.03
CA LEU A 369 -4.12 -7.48 21.33
C LEU A 369 -5.24 -8.20 22.08
N GLY A 370 -6.39 -8.40 21.45
CA GLY A 370 -7.48 -9.05 22.16
C GLY A 370 -8.50 -8.05 22.65
N ASP A 371 -8.96 -8.26 23.89
CA ASP A 371 -10.05 -7.46 24.45
C ASP A 371 -9.67 -6.01 24.70
N LYS A 372 -8.39 -5.64 24.53
CA LYS A 372 -8.00 -4.26 24.75
C LYS A 372 -8.22 -3.39 23.51
N VAL A 373 -8.74 -3.96 22.42
CA VAL A 373 -8.91 -3.19 21.19
C VAL A 373 -10.03 -2.16 21.35
N LYS A 374 -10.83 -2.26 22.39
CA LYS A 374 -11.93 -1.34 22.61
C LYS A 374 -11.52 -0.11 23.42
N ASP A 375 -10.38 -0.16 24.11
CA ASP A 375 -9.91 0.96 24.91
C ASP A 375 -8.74 1.69 24.27
N LEU A 376 -8.74 1.82 22.94
CA LEU A 376 -7.68 2.54 22.23
C LEU A 376 -8.01 4.03 22.32
N SER A 377 -7.36 4.71 23.26
CA SER A 377 -7.58 6.13 23.49
C SER A 377 -6.23 6.81 23.64
N GLY A 378 -5.85 7.61 22.65
CA GLY A 378 -4.57 8.29 22.67
C GLY A 378 -3.38 7.44 22.26
N VAL A 379 -3.57 6.14 22.02
CA VAL A 379 -2.46 5.28 21.64
C VAL A 379 -2.06 5.58 20.21
N LYS A 380 -0.77 5.38 19.91
CA LYS A 380 -0.25 5.50 18.56
C LYS A 380 0.00 4.10 18.01
N ILE A 381 -0.57 3.83 16.83
CA ILE A 381 -0.45 2.54 16.19
C ILE A 381 0.54 2.68 15.04
N PHE A 382 1.53 1.79 15.01
CA PHE A 382 2.58 1.85 14.00
C PHE A 382 2.45 0.65 13.06
N THR A 383 2.17 0.92 11.80
CA THR A 383 2.00 -0.10 10.79
C THR A 383 3.21 -0.14 9.87
N THR A 384 3.16 -1.05 8.90
CA THR A 384 4.20 -1.18 7.89
C THR A 384 3.77 -0.65 6.53
N PHE A 385 2.82 0.27 6.50
CA PHE A 385 2.29 0.80 5.26
C PHE A 385 3.33 1.67 4.56
N ASP A 386 3.63 1.35 3.31
CA ASP A 386 4.57 2.10 2.48
C ASP A 386 3.76 2.99 1.55
N SER A 387 4.01 4.30 1.62
CA SER A 387 3.12 5.25 0.96
C SER A 387 3.50 5.49 -0.50
N VAL A 388 4.77 5.35 -0.85
CA VAL A 388 5.17 5.55 -2.25
C VAL A 388 4.72 4.37 -3.09
N ALA A 389 4.74 3.16 -2.53
CA ALA A 389 4.32 1.98 -3.28
C ALA A 389 2.81 1.91 -3.37
N GLN A 390 2.09 2.54 -2.44
CA GLN A 390 0.63 2.50 -2.48
C GLN A 390 0.08 3.50 -3.49
N ASP A 391 0.80 4.60 -3.71
CA ASP A 391 0.39 5.54 -4.74
C ASP A 391 0.57 4.95 -6.12
N ALA A 392 1.59 4.13 -6.31
CA ALA A 392 1.82 3.50 -7.61
C ALA A 392 0.92 2.30 -7.82
N ALA A 393 0.42 1.69 -6.74
CA ALA A 393 -0.49 0.56 -6.87
C ALA A 393 -1.88 1.05 -7.28
N GLU A 394 -2.31 2.18 -6.74
CA GLU A 394 -3.62 2.73 -7.10
C GLU A 394 -3.58 3.42 -8.45
N LYS A 395 -2.45 4.03 -8.79
CA LYS A 395 -2.34 4.72 -10.07
C LYS A 395 -2.37 3.75 -11.24
N ALA A 396 -2.04 2.48 -10.99
CA ALA A 396 -2.02 1.49 -12.07
C ALA A 396 -3.37 0.80 -12.20
N ALA A 397 -4.12 0.72 -11.09
CA ALA A 397 -5.43 0.06 -11.14
C ALA A 397 -6.48 0.97 -11.75
N VAL A 398 -6.50 2.24 -11.35
CA VAL A 398 -7.54 3.15 -11.81
C VAL A 398 -7.29 3.59 -13.24
N GLU A 399 -6.03 3.60 -13.68
CA GLU A 399 -5.68 3.99 -15.03
C GLU A 399 -5.46 2.83 -15.97
N GLY A 400 -5.35 1.61 -15.45
CA GLY A 400 -5.13 0.45 -16.28
C GLY A 400 -6.40 -0.28 -16.62
N ILE A 401 -7.32 -0.37 -15.66
CA ILE A 401 -8.57 -1.10 -15.88
C ILE A 401 -9.43 -0.45 -16.97
N PRO A 402 -9.66 0.86 -16.98
CA PRO A 402 -10.35 1.46 -18.13
C PRO A 402 -9.65 1.26 -19.46
N ALA A 403 -8.33 1.03 -19.45
CA ALA A 403 -7.62 0.81 -20.70
C ALA A 403 -7.78 -0.62 -21.19
N LEU A 404 -8.12 -1.55 -20.28
CA LEU A 404 -8.39 -2.92 -20.69
C LEU A 404 -9.84 -3.11 -21.10
N LYS A 405 -10.76 -2.35 -20.47
CA LYS A 405 -12.18 -2.53 -20.76
C LYS A 405 -12.53 -2.03 -22.14
N LYS A 406 -12.01 -0.85 -22.52
CA LYS A 406 -12.39 -0.27 -23.81
C LYS A 406 -11.87 -1.09 -24.97
N GLN A 407 -10.68 -1.68 -24.82
CA GLN A 407 -10.06 -2.39 -25.94
C GLN A 407 -10.79 -3.69 -26.24
N ARG A 408 -11.39 -4.32 -25.24
CA ARG A 408 -12.11 -5.57 -25.42
C ARG A 408 -13.62 -5.40 -25.34
N LYS A 409 -14.11 -4.17 -25.18
CA LYS A 409 -15.54 -3.88 -25.09
C LYS A 409 -16.17 -4.66 -23.94
N LEU A 410 -15.47 -4.72 -22.81
CA LEU A 410 -15.98 -5.41 -21.63
C LEU A 410 -16.90 -4.51 -20.85
N SER A 411 -17.93 -5.09 -20.23
CA SER A 411 -18.86 -4.30 -19.43
C SER A 411 -18.26 -3.94 -18.08
N ASP A 412 -17.68 -4.91 -17.37
CA ASP A 412 -17.01 -4.65 -16.11
C ASP A 412 -15.70 -5.43 -16.07
N LEU A 413 -14.86 -5.04 -15.12
CA LEU A 413 -13.57 -5.67 -14.90
C LEU A 413 -13.03 -5.14 -13.59
N GLU A 414 -12.36 -6.01 -12.83
CA GLU A 414 -11.85 -5.59 -11.54
C GLU A 414 -10.38 -5.96 -11.43
N THR A 415 -9.82 -5.77 -10.24
CA THR A 415 -8.40 -6.01 -10.01
C THR A 415 -8.13 -6.10 -8.52
N ALA A 416 -6.92 -6.51 -8.19
CA ALA A 416 -6.44 -6.57 -6.82
C ALA A 416 -4.92 -6.68 -6.86
N ILE A 417 -4.26 -5.95 -5.97
CA ILE A 417 -2.80 -5.88 -5.95
C ILE A 417 -2.33 -5.91 -4.50
N VAL A 418 -1.37 -6.79 -4.23
CA VAL A 418 -0.78 -6.93 -2.90
C VAL A 418 0.74 -6.91 -3.04
N VAL A 419 1.38 -6.09 -2.21
CA VAL A 419 2.82 -5.93 -2.21
C VAL A 419 3.35 -6.23 -0.83
N VAL A 420 4.27 -7.19 -0.72
CA VAL A 420 4.87 -7.56 0.55
C VAL A 420 6.38 -7.46 0.40
N ASP A 421 7.06 -7.34 1.53
CA ASP A 421 8.51 -7.28 1.52
C ASP A 421 9.07 -8.68 1.28
N ARG A 422 10.18 -8.76 0.54
CA ARG A 422 10.66 -10.05 0.07
C ARG A 422 11.18 -10.91 1.21
N PHE A 423 11.93 -10.32 2.14
CA PHE A 423 12.60 -11.09 3.18
C PHE A 423 11.88 -11.09 4.52
N SER A 424 10.99 -10.15 4.77
CA SER A 424 10.34 -10.03 6.06
C SER A 424 8.84 -10.26 6.03
N GLY A 425 8.18 -10.06 4.90
CA GLY A 425 6.76 -10.31 4.83
C GLY A 425 5.88 -9.17 5.26
N GLU A 426 6.45 -8.00 5.54
CA GLU A 426 5.63 -6.84 5.89
C GLU A 426 4.86 -6.37 4.68
N VAL A 427 3.56 -6.16 4.86
CA VAL A 427 2.70 -5.74 3.75
C VAL A 427 2.91 -4.24 3.53
N ARG A 428 3.23 -3.86 2.30
CA ARG A 428 3.54 -2.49 1.96
C ARG A 428 2.44 -1.78 1.19
N ALA A 429 1.53 -2.54 0.58
CA ALA A 429 0.47 -1.94 -0.23
C ALA A 429 -0.66 -2.96 -0.35
N MET A 430 -1.81 -2.46 -0.81
CA MET A 430 -2.97 -3.29 -1.03
C MET A 430 -3.99 -2.48 -1.81
N VAL A 431 -4.67 -3.15 -2.74
CA VAL A 431 -5.69 -2.52 -3.57
C VAL A 431 -6.85 -3.50 -3.68
N GLY A 432 -8.03 -3.09 -3.22
CA GLY A 432 -9.16 -3.97 -3.21
C GLY A 432 -10.00 -4.01 -4.46
N GLY A 433 -9.83 -3.05 -5.37
CA GLY A 433 -10.63 -3.05 -6.58
C GLY A 433 -10.15 -1.96 -7.51
N SER A 434 -10.86 -1.83 -8.63
CA SER A 434 -10.56 -0.81 -9.61
C SER A 434 -10.84 0.60 -9.11
N GLU A 435 -11.40 0.74 -7.91
CA GLU A 435 -11.56 2.03 -7.23
C GLU A 435 -11.12 1.88 -5.78
N PRO A 436 -9.81 1.91 -5.52
CA PRO A 436 -9.30 1.55 -4.18
C PRO A 436 -9.80 2.43 -3.06
N GLN A 437 -10.35 3.61 -3.38
CA GLN A 437 -10.89 4.50 -2.36
C GLN A 437 -12.38 4.28 -2.12
N PHE A 438 -12.93 3.17 -2.59
CA PHE A 438 -14.27 2.73 -2.24
C PHE A 438 -14.16 1.81 -1.03
N ALA A 439 -15.31 1.44 -0.47
CA ALA A 439 -15.30 0.62 0.74
C ALA A 439 -16.48 -0.34 0.70
N GLY A 440 -16.27 -1.56 1.18
CA GLY A 440 -17.34 -2.54 1.23
C GLY A 440 -16.91 -3.92 0.76
N TYR A 441 -16.01 -3.96 -0.21
CA TYR A 441 -15.51 -5.22 -0.75
C TYR A 441 -14.01 -5.13 -0.95
N ASN A 442 -13.27 -6.04 -0.33
CA ASN A 442 -11.82 -6.11 -0.42
C ASN A 442 -11.48 -7.40 -1.16
N ARG A 443 -11.14 -7.26 -2.44
CA ARG A 443 -10.82 -8.43 -3.26
C ARG A 443 -9.43 -8.98 -2.96
N ALA A 444 -8.61 -8.24 -2.23
CA ALA A 444 -7.29 -8.73 -1.87
C ALA A 444 -7.31 -9.52 -0.57
N MET A 445 -8.47 -9.67 0.06
CA MET A 445 -8.60 -10.47 1.28
C MET A 445 -9.84 -11.33 1.31
N GLN A 446 -10.77 -11.18 0.35
CA GLN A 446 -12.01 -11.94 0.37
C GLN A 446 -12.32 -12.62 -0.96
N ALA A 447 -11.80 -12.12 -2.08
CA ALA A 447 -12.07 -12.71 -3.39
C ALA A 447 -11.21 -13.95 -3.55
N ARG A 448 -11.84 -15.10 -3.42
CA ARG A 448 -11.14 -16.38 -3.57
C ARG A 448 -11.28 -16.87 -5.00
N ARG A 449 -10.20 -16.76 -5.78
CA ARG A 449 -10.21 -17.12 -7.18
C ARG A 449 -9.28 -18.31 -7.40
N SER A 450 -9.36 -18.88 -8.59
CA SER A 450 -8.54 -20.03 -8.95
C SER A 450 -7.23 -19.55 -9.56
N ILE A 451 -6.12 -20.05 -9.03
CA ILE A 451 -4.82 -19.55 -9.44
C ILE A 451 -4.44 -20.03 -10.85
N GLY A 452 -4.76 -21.27 -11.20
CA GLY A 452 -4.55 -21.69 -12.58
C GLY A 452 -3.10 -22.07 -12.84
N SER A 453 -2.56 -21.58 -13.95
CA SER A 453 -1.18 -21.87 -14.31
C SER A 453 -0.17 -21.26 -13.36
N LEU A 454 -0.63 -20.58 -12.31
CA LEU A 454 0.27 -20.02 -11.31
C LEU A 454 0.65 -21.05 -10.25
N ALA A 455 0.20 -22.30 -10.38
CA ALA A 455 0.51 -23.34 -9.42
C ALA A 455 1.54 -24.33 -9.93
N LYS A 456 2.29 -23.99 -10.97
CA LYS A 456 3.40 -24.84 -11.39
C LYS A 456 4.66 -24.64 -10.57
N PRO A 457 5.05 -23.42 -10.17
CA PRO A 457 6.24 -23.28 -9.32
C PRO A 457 6.25 -24.14 -8.06
N ALA A 458 5.11 -24.69 -7.64
CA ALA A 458 5.12 -25.57 -6.48
C ALA A 458 5.20 -27.03 -6.88
N THR A 459 5.04 -27.35 -8.16
CA THR A 459 5.28 -28.71 -8.64
C THR A 459 6.76 -28.90 -8.93
N TYR A 460 7.39 -27.91 -9.57
CA TYR A 460 8.82 -28.00 -9.87
C TYR A 460 9.68 -27.73 -8.66
N LEU A 461 9.12 -27.10 -7.62
CA LEU A 461 9.88 -26.91 -6.39
C LEU A 461 9.97 -28.21 -5.59
N THR A 462 9.12 -29.18 -5.91
CA THR A 462 9.22 -30.48 -5.25
C THR A 462 10.12 -31.42 -6.01
N ALA A 463 10.13 -31.32 -7.34
CA ALA A 463 11.10 -32.06 -8.13
C ALA A 463 12.51 -31.61 -7.81
N LEU A 464 12.75 -30.30 -7.83
CA LEU A 464 14.09 -29.76 -7.62
C LEU A 464 14.57 -29.91 -6.19
N SER A 465 13.69 -30.22 -5.24
CA SER A 465 14.13 -30.53 -3.89
C SER A 465 14.57 -31.98 -3.73
N GLN A 466 14.82 -32.68 -4.84
CA GLN A 466 15.38 -34.02 -4.84
C GLN A 466 16.53 -34.04 -5.83
N PRO A 467 17.69 -33.51 -5.44
CA PRO A 467 18.75 -33.23 -6.42
C PRO A 467 19.50 -34.46 -6.89
N LYS A 468 19.17 -35.65 -6.38
CA LYS A 468 19.83 -36.85 -6.84
C LYS A 468 19.22 -37.35 -8.15
N ILE A 469 17.96 -37.04 -8.39
CA ILE A 469 17.23 -37.62 -9.50
C ILE A 469 16.62 -36.55 -10.40
N TYR A 470 16.38 -35.35 -9.87
CA TYR A 470 15.72 -34.29 -10.62
C TYR A 470 16.59 -33.04 -10.65
N ARG A 471 17.04 -32.68 -11.86
CA ARG A 471 17.84 -31.48 -12.07
C ARG A 471 17.14 -30.62 -13.12
N LEU A 472 17.83 -29.57 -13.55
CA LEU A 472 17.24 -28.68 -14.54
C LEU A 472 17.34 -29.24 -15.95
N ASN A 473 17.91 -30.42 -16.13
CA ASN A 473 17.99 -31.02 -17.46
C ASN A 473 17.37 -32.40 -17.51
N THR A 474 16.59 -32.79 -16.50
CA THR A 474 15.87 -34.05 -16.55
C THR A 474 14.86 -34.03 -17.69
N TRP A 475 14.82 -35.11 -18.47
CA TRP A 475 13.90 -35.18 -19.59
C TRP A 475 12.53 -35.62 -19.12
N ILE A 476 11.51 -34.82 -19.44
CA ILE A 476 10.13 -35.11 -19.07
C ILE A 476 9.38 -35.53 -20.32
N ALA A 477 8.48 -36.50 -20.17
CA ALA A 477 7.75 -37.02 -21.31
C ALA A 477 6.66 -36.04 -21.73
N ASP A 478 6.49 -35.87 -23.04
CA ASP A 478 5.55 -34.91 -23.59
C ASP A 478 4.59 -35.60 -24.55
N ALA A 479 4.04 -36.74 -24.13
CA ALA A 479 3.18 -37.58 -24.95
C ALA A 479 1.73 -37.43 -24.50
N PRO A 480 0.78 -37.75 -25.37
CA PRO A 480 -0.63 -37.69 -24.96
C PRO A 480 -0.91 -38.68 -23.84
N ILE A 481 -1.51 -38.18 -22.76
CA ILE A 481 -1.74 -38.97 -21.56
C ILE A 481 -3.23 -38.94 -21.21
N ALA A 482 -3.69 -40.03 -20.60
CA ALA A 482 -5.06 -40.14 -20.11
C ALA A 482 -5.04 -40.82 -18.74
N LEU A 483 -5.66 -40.19 -17.76
CA LEU A 483 -5.61 -40.63 -16.38
C LEU A 483 -7.02 -40.98 -15.90
N ARG A 484 -7.14 -41.24 -14.59
CA ARG A 484 -8.43 -41.43 -13.94
C ARG A 484 -8.55 -40.49 -12.76
N GLN A 485 -9.45 -39.52 -12.89
CA GLN A 485 -9.71 -38.57 -11.81
C GLN A 485 -10.60 -39.19 -10.73
N VAL A 490 -12.02 -40.41 -16.69
CA VAL A 490 -10.99 -40.20 -17.70
C VAL A 490 -10.68 -38.71 -17.84
N TRP A 491 -9.40 -38.37 -17.76
CA TRP A 491 -8.94 -37.01 -17.92
C TRP A 491 -7.72 -36.99 -18.84
N SER A 492 -7.72 -36.07 -19.78
CA SER A 492 -6.65 -35.96 -20.76
C SER A 492 -6.31 -34.50 -20.96
N PRO A 493 -5.26 -34.00 -20.31
CA PRO A 493 -4.91 -32.60 -20.45
C PRO A 493 -4.27 -32.31 -21.80
N GLN A 494 -4.48 -31.09 -22.28
CA GLN A 494 -3.88 -30.62 -23.52
C GLN A 494 -3.07 -29.37 -23.22
N ASN A 495 -1.97 -29.22 -23.93
CA ASN A 495 -1.09 -28.07 -23.71
C ASN A 495 -1.85 -26.77 -23.97
N ASP A 496 -1.40 -25.71 -23.29
CA ASP A 496 -2.09 -24.43 -23.39
C ASP A 496 -2.06 -23.86 -24.80
N ASP A 497 -1.25 -24.41 -25.69
CA ASP A 497 -1.29 -24.09 -27.11
C ASP A 497 -1.63 -25.30 -27.98
N ARG A 498 -1.98 -26.43 -27.37
CA ARG A 498 -2.38 -27.66 -28.05
C ARG A 498 -1.26 -28.29 -28.86
N ARG A 499 -0.05 -27.73 -28.82
CA ARG A 499 1.06 -28.29 -29.57
C ARG A 499 1.77 -29.36 -28.76
N TYR A 500 2.40 -30.30 -29.49
CA TYR A 500 3.18 -31.37 -28.89
C TYR A 500 4.59 -31.32 -29.45
N SER A 501 5.57 -31.59 -28.57
CA SER A 501 6.97 -31.60 -28.98
C SER A 501 7.22 -32.79 -29.88
N GLU A 502 7.86 -32.54 -31.03
CA GLU A 502 8.05 -33.61 -32.00
C GLU A 502 9.16 -34.56 -31.59
N SER A 503 10.09 -34.12 -30.74
CA SER A 503 11.08 -35.04 -30.20
C SER A 503 10.50 -35.95 -29.14
N GLY A 504 9.34 -35.61 -28.59
CA GLY A 504 8.70 -36.43 -27.58
C GLY A 504 9.12 -36.17 -26.15
N ARG A 505 9.93 -35.16 -25.91
CA ARG A 505 10.43 -34.89 -24.56
C ARG A 505 10.90 -33.45 -24.48
N VAL A 506 10.86 -32.89 -23.27
CA VAL A 506 11.35 -31.55 -22.99
C VAL A 506 12.06 -31.56 -21.64
N MET A 507 13.09 -30.73 -21.52
CA MET A 507 13.84 -30.69 -20.27
C MET A 507 13.00 -30.08 -19.17
N LEU A 508 13.47 -30.23 -17.92
CA LEU A 508 12.72 -29.71 -16.78
C LEU A 508 12.82 -28.20 -16.68
N VAL A 509 13.66 -27.57 -17.50
CA VAL A 509 13.77 -26.12 -17.49
C VAL A 509 12.92 -25.52 -18.60
N ASP A 510 12.81 -26.21 -19.75
CA ASP A 510 11.94 -25.74 -20.81
C ASP A 510 10.48 -26.03 -20.51
N ALA A 511 10.19 -26.78 -19.46
CA ALA A 511 8.82 -27.05 -19.09
C ALA A 511 8.24 -25.91 -18.26
N LEU A 512 9.04 -25.36 -17.35
CA LEU A 512 8.56 -24.26 -16.52
C LEU A 512 8.73 -22.92 -17.22
N THR A 513 9.77 -22.77 -18.04
CA THR A 513 9.98 -21.53 -18.77
C THR A 513 8.81 -21.25 -19.71
N ARG A 514 8.38 -22.25 -20.46
CA ARG A 514 7.28 -22.10 -21.41
C ARG A 514 5.93 -22.45 -20.82
N SER A 515 5.88 -22.91 -19.58
CA SER A 515 4.63 -23.25 -18.90
C SER A 515 3.83 -24.30 -19.69
N MET A 516 4.41 -25.49 -19.83
CA MET A 516 3.75 -26.56 -20.56
C MET A 516 2.86 -27.37 -19.63
N ASN A 517 1.75 -27.85 -20.18
CA ASN A 517 0.71 -28.46 -19.33
C ASN A 517 0.90 -29.96 -19.18
N VAL A 518 1.28 -30.64 -20.26
CA VAL A 518 1.41 -32.09 -20.22
C VAL A 518 2.65 -32.49 -19.42
N PRO A 519 3.83 -31.91 -19.64
CA PRO A 519 4.98 -32.28 -18.79
C PRO A 519 4.76 -32.02 -17.31
N THR A 520 4.05 -30.94 -16.97
CA THR A 520 3.80 -30.65 -15.56
C THR A 520 3.00 -31.77 -14.91
N VAL A 521 2.08 -32.39 -15.65
CA VAL A 521 1.34 -33.51 -15.11
C VAL A 521 2.21 -34.75 -15.06
N ASN A 522 3.01 -34.99 -16.10
CA ASN A 522 3.89 -36.15 -16.12
C ASN A 522 4.95 -36.05 -15.03
N LEU A 523 5.35 -34.83 -14.67
CA LEU A 523 6.28 -34.65 -13.56
C LEU A 523 5.55 -34.70 -12.22
N GLY A 524 4.35 -34.12 -12.17
CA GLY A 524 3.61 -34.09 -10.93
C GLY A 524 3.05 -35.44 -10.54
N MET A 525 2.70 -36.28 -11.52
CA MET A 525 2.20 -37.61 -11.21
C MET A 525 3.31 -38.55 -10.78
N ALA A 526 4.55 -38.30 -11.24
CA ALA A 526 5.66 -39.17 -10.84
C ALA A 526 6.08 -38.92 -9.40
N LEU A 527 5.94 -37.68 -8.91
CA LEU A 527 6.26 -37.39 -7.52
C LEU A 527 5.15 -37.84 -6.58
N GLY A 528 3.93 -37.97 -7.10
CA GLY A 528 2.80 -38.30 -6.26
C GLY A 528 2.18 -37.08 -5.63
N LEU A 529 0.86 -37.02 -5.58
CA LEU A 529 0.20 -35.88 -4.95
C LEU A 529 0.42 -35.78 -3.43
N PRO A 530 0.64 -36.85 -2.67
CA PRO A 530 1.00 -36.65 -1.26
C PRO A 530 2.30 -35.90 -1.05
N ALA A 531 3.06 -35.61 -2.11
CA ALA A 531 4.29 -34.84 -1.94
C ALA A 531 4.12 -33.42 -2.45
N VAL A 532 3.39 -33.23 -3.55
CA VAL A 532 3.12 -31.88 -4.04
C VAL A 532 2.21 -31.15 -3.08
N THR A 533 1.43 -31.89 -2.30
CA THR A 533 0.59 -31.26 -1.28
C THR A 533 1.44 -30.81 -0.09
N GLU A 534 2.48 -31.58 0.24
CA GLU A 534 3.34 -31.23 1.36
C GLU A 534 4.15 -29.97 1.07
N THR A 535 4.44 -29.72 -0.20
CA THR A 535 5.12 -28.48 -0.56
C THR A 535 4.19 -27.29 -0.37
N TRP A 536 2.92 -27.42 -0.76
CA TRP A 536 1.99 -26.30 -0.64
C TRP A 536 1.79 -25.91 0.81
N ILE A 537 1.90 -26.87 1.73
CA ILE A 537 1.70 -26.57 3.15
C ILE A 537 2.91 -25.84 3.72
N LYS A 538 4.11 -26.21 3.29
CA LYS A 538 5.30 -25.49 3.70
C LYS A 538 5.28 -24.05 3.24
N LEU A 539 4.80 -23.81 2.02
CA LEU A 539 4.69 -22.46 1.49
C LEU A 539 3.70 -21.60 2.28
N GLY A 540 2.70 -22.20 2.92
CA GLY A 540 1.79 -21.47 3.76
C GLY A 540 0.38 -21.30 3.25
N VAL A 541 -0.17 -22.30 2.58
CA VAL A 541 -1.59 -22.28 2.23
C VAL A 541 -2.34 -23.13 3.25
N PRO A 542 -3.59 -22.82 3.56
CA PRO A 542 -4.29 -23.59 4.60
C PRO A 542 -4.60 -25.01 4.13
N LYS A 543 -4.55 -25.94 5.07
CA LYS A 543 -4.72 -27.36 4.74
C LYS A 543 -6.09 -27.63 4.12
N ASP A 544 -7.08 -26.79 4.41
CA ASP A 544 -8.44 -27.07 3.98
C ASP A 544 -8.67 -26.76 2.51
N GLN A 545 -7.84 -25.90 1.90
CA GLN A 545 -7.99 -25.57 0.48
C GLN A 545 -7.35 -26.59 -0.45
N LEU A 546 -6.50 -27.48 0.08
CA LEU A 546 -5.76 -28.43 -0.74
C LEU A 546 -6.56 -29.71 -0.85
N HIS A 547 -7.14 -29.95 -2.02
CA HIS A 547 -7.89 -31.17 -2.28
C HIS A 547 -7.14 -31.99 -3.32
N PRO A 548 -6.52 -33.11 -2.95
CA PRO A 548 -5.58 -33.77 -3.87
C PRO A 548 -6.25 -34.52 -5.01
N VAL A 549 -6.16 -33.96 -6.21
CA VAL A 549 -6.60 -34.61 -7.45
C VAL A 549 -5.68 -34.15 -8.57
N PRO A 550 -5.57 -34.94 -9.63
CA PRO A 550 -4.70 -34.55 -10.75
C PRO A 550 -4.98 -33.18 -11.33
N ALA A 551 -6.08 -32.52 -10.96
CA ALA A 551 -6.32 -31.17 -11.43
C ALA A 551 -5.62 -30.13 -10.56
N MET A 552 -5.27 -30.48 -9.32
CA MET A 552 -4.54 -29.54 -8.48
C MET A 552 -3.19 -29.17 -9.08
N LEU A 553 -2.56 -30.11 -9.79
CA LEU A 553 -1.25 -29.85 -10.38
C LEU A 553 -1.27 -28.71 -11.39
N LEU A 554 -2.37 -28.53 -12.12
CA LEU A 554 -2.50 -27.44 -13.08
C LEU A 554 -3.21 -26.23 -12.48
N GLY A 555 -3.48 -26.26 -11.18
CA GLY A 555 -4.04 -25.10 -10.52
C GLY A 555 -5.53 -25.13 -10.30
N ALA A 556 -6.08 -26.28 -9.90
CA ALA A 556 -7.46 -26.31 -9.41
C ALA A 556 -7.44 -25.95 -7.95
N LEU A 557 -6.94 -24.76 -7.64
CA LEU A 557 -6.71 -24.31 -6.28
C LEU A 557 -7.29 -22.91 -6.16
N ASN A 558 -8.05 -22.67 -5.09
CA ASN A 558 -8.72 -21.40 -4.89
C ASN A 558 -8.01 -20.65 -3.77
N LEU A 559 -7.43 -19.50 -4.09
CA LEU A 559 -6.64 -18.73 -3.14
C LEU A 559 -6.83 -17.24 -3.37
N THR A 560 -6.92 -16.49 -2.27
CA THR A 560 -7.00 -15.04 -2.31
C THR A 560 -5.62 -14.43 -2.50
N PRO A 561 -5.54 -13.23 -3.09
CA PRO A 561 -4.21 -12.62 -3.31
C PRO A 561 -3.36 -12.47 -2.06
N ILE A 562 -3.94 -12.61 -0.87
CA ILE A 562 -3.14 -12.53 0.35
C ILE A 562 -2.60 -13.90 0.74
N GLU A 563 -3.04 -14.97 0.09
CA GLU A 563 -2.45 -16.29 0.31
C GLU A 563 -1.50 -16.68 -0.81
N VAL A 564 -1.66 -16.08 -1.99
CA VAL A 564 -0.68 -16.26 -3.05
C VAL A 564 0.56 -15.41 -2.79
N ALA A 565 0.41 -14.28 -2.12
CA ALA A 565 1.56 -13.44 -1.81
C ALA A 565 2.41 -14.07 -0.71
N GLN A 566 1.79 -14.85 0.17
CA GLN A 566 2.56 -15.54 1.21
C GLN A 566 3.20 -16.80 0.65
N ALA A 567 2.62 -17.37 -0.41
CA ALA A 567 3.22 -18.54 -1.03
C ALA A 567 4.45 -18.16 -1.86
N PHE A 568 4.36 -17.07 -2.61
CA PHE A 568 5.50 -16.65 -3.42
C PHE A 568 6.50 -15.83 -2.62
N GLN A 569 6.28 -15.67 -1.31
CA GLN A 569 7.27 -15.01 -0.48
C GLN A 569 8.24 -16.02 0.12
N THR A 570 7.80 -17.28 0.25
CA THR A 570 8.71 -18.33 0.69
C THR A 570 9.67 -18.73 -0.42
N ILE A 571 9.28 -18.54 -1.68
CA ILE A 571 10.19 -18.82 -2.79
C ILE A 571 11.13 -17.64 -3.01
N ALA A 572 10.64 -16.43 -2.78
CA ALA A 572 11.44 -15.24 -3.09
C ALA A 572 12.53 -14.99 -2.06
N SER A 573 12.30 -15.34 -0.80
CA SER A 573 13.30 -15.08 0.22
C SER A 573 14.37 -16.15 0.28
N GLY A 574 14.17 -17.30 -0.35
CA GLY A 574 15.12 -18.39 -0.27
C GLY A 574 14.69 -19.53 0.62
N GLY A 575 13.39 -19.68 0.88
CA GLY A 575 12.90 -20.75 1.72
C GLY A 575 12.48 -20.31 3.11
N ASN A 576 12.73 -19.07 3.51
CA ASN A 576 12.40 -18.60 4.84
C ASN A 576 10.97 -18.06 4.83
N ARG A 577 10.04 -18.83 5.37
CA ARG A 577 8.64 -18.42 5.42
C ARG A 577 8.45 -17.41 6.54
N ALA A 578 8.15 -16.16 6.17
CA ALA A 578 7.85 -15.13 7.15
C ALA A 578 6.36 -14.82 7.10
N PRO A 579 5.64 -14.96 8.21
CA PRO A 579 4.19 -14.69 8.18
C PRO A 579 3.91 -13.23 7.86
N LEU A 580 3.00 -13.00 6.92
CA LEU A 580 2.66 -11.65 6.52
C LEU A 580 2.06 -10.89 7.69
N SER A 581 2.48 -9.63 7.85
CA SER A 581 2.05 -8.82 8.97
C SER A 581 1.89 -7.39 8.53
N ALA A 582 1.13 -6.63 9.33
CA ALA A 582 0.93 -5.21 9.10
C ALA A 582 1.07 -4.36 10.35
N LEU A 583 1.18 -4.97 11.53
CA LEU A 583 1.41 -4.23 12.77
C LEU A 583 2.88 -4.29 13.15
N ARG A 584 3.51 -3.12 13.27
CA ARG A 584 4.89 -3.01 13.69
C ARG A 584 5.01 -2.89 15.21
N SER A 585 4.22 -1.99 15.80
CA SER A 585 4.19 -1.82 17.25
C SER A 585 3.02 -0.92 17.62
N VAL A 586 2.54 -1.08 18.85
CA VAL A 586 1.44 -0.29 19.38
C VAL A 586 1.90 0.32 20.70
N ILE A 587 2.11 1.63 20.71
CA ILE A 587 2.60 2.36 21.87
C ILE A 587 1.44 3.11 22.51
N ALA A 588 1.29 2.96 23.82
CA ALA A 588 0.23 3.66 24.52
C ALA A 588 0.51 5.16 24.58
N GLU A 589 -0.41 5.89 25.21
CA GLU A 589 -0.31 7.35 25.18
C GLU A 589 0.70 7.89 26.18
N ASP A 590 0.92 7.19 27.29
CA ASP A 590 1.86 7.65 28.32
C ASP A 590 3.29 7.24 28.03
N GLY A 591 3.52 6.35 27.06
CA GLY A 591 4.84 5.84 26.77
C GLY A 591 4.99 4.34 26.98
N LYS A 592 3.95 3.66 27.42
CA LYS A 592 4.03 2.22 27.65
C LYS A 592 3.86 1.48 26.33
N VAL A 593 4.66 0.43 26.13
CA VAL A 593 4.62 -0.34 24.90
C VAL A 593 3.62 -1.50 25.06
N LEU A 594 2.54 -1.45 24.31
CA LEU A 594 1.51 -2.47 24.42
C LEU A 594 1.76 -3.67 23.52
N TYR A 595 2.59 -3.52 22.50
CA TYR A 595 2.87 -4.60 21.57
C TYR A 595 4.08 -4.21 20.72
N GLN A 596 4.99 -5.15 20.54
CA GLN A 596 6.22 -4.94 19.76
C GLN A 596 6.49 -6.21 18.96
N SER A 597 6.46 -6.09 17.64
CA SER A 597 6.51 -7.26 16.78
C SER A 597 7.95 -7.69 16.51
N PHE A 598 8.17 -9.00 16.44
CA PHE A 598 9.47 -9.58 16.17
C PHE A 598 9.37 -10.53 14.98
N PRO A 599 10.45 -10.67 14.21
CA PRO A 599 10.40 -11.54 13.03
C PRO A 599 10.37 -13.01 13.40
N GLN A 600 9.68 -13.80 12.58
CA GLN A 600 9.64 -15.24 12.74
C GLN A 600 10.59 -15.92 11.76
N ALA A 601 10.39 -15.73 10.45
CA ALA A 601 11.30 -16.19 9.40
C ALA A 601 11.71 -17.65 9.62
N GLU A 602 10.72 -18.54 9.51
CA GLU A 602 10.92 -19.97 9.67
C GLU A 602 11.34 -20.59 8.35
N ARG A 603 12.17 -21.63 8.42
CA ARG A 603 12.69 -22.28 7.23
C ARG A 603 11.70 -23.34 6.71
N ALA A 604 11.38 -23.26 5.42
CA ALA A 604 10.42 -24.17 4.81
C ALA A 604 11.05 -25.09 3.76
N VAL A 605 11.67 -24.54 2.73
CA VAL A 605 12.23 -25.34 1.64
C VAL A 605 13.72 -25.07 1.53
N PRO A 606 14.52 -26.01 1.00
CA PRO A 606 15.98 -25.82 0.98
C PRO A 606 16.37 -24.60 0.16
N ALA A 607 17.42 -23.92 0.62
CA ALA A 607 17.85 -22.69 -0.05
C ALA A 607 18.41 -22.98 -1.43
N GLN A 608 18.75 -24.24 -1.72
CA GLN A 608 19.30 -24.57 -3.03
C GLN A 608 18.20 -24.98 -3.99
N ALA A 609 17.03 -25.34 -3.48
CA ALA A 609 15.90 -25.67 -4.34
C ALA A 609 15.03 -24.45 -4.59
N ALA A 610 15.08 -23.46 -3.69
CA ALA A 610 14.36 -22.22 -3.92
C ALA A 610 15.21 -21.23 -4.69
N TYR A 611 16.42 -21.63 -5.09
CA TYR A 611 17.21 -20.81 -6.00
C TYR A 611 17.10 -21.33 -7.43
N LEU A 612 17.07 -22.65 -7.59
CA LEU A 612 16.91 -23.22 -8.93
C LEU A 612 15.53 -22.94 -9.48
N THR A 613 14.52 -22.83 -8.61
CA THR A 613 13.19 -22.43 -9.06
C THR A 613 13.14 -20.95 -9.32
N LEU A 614 13.77 -20.14 -8.45
CA LEU A 614 13.78 -18.71 -8.65
C LEU A 614 14.71 -18.30 -9.77
N TRP A 615 15.61 -19.19 -10.18
CA TRP A 615 16.38 -18.95 -11.40
C TRP A 615 15.54 -19.19 -12.64
N THR A 616 14.86 -20.34 -12.70
CA THR A 616 13.98 -20.62 -13.83
C THR A 616 12.90 -19.57 -13.97
N MET A 617 12.47 -18.96 -12.87
CA MET A 617 11.48 -17.89 -12.96
C MET A 617 12.07 -16.60 -13.50
N GLN A 618 13.38 -16.56 -13.73
CA GLN A 618 13.96 -15.43 -14.47
C GLN A 618 13.99 -15.70 -15.96
N GLN A 619 13.83 -16.97 -16.37
CA GLN A 619 13.74 -17.30 -17.78
C GLN A 619 12.31 -17.14 -18.28
N VAL A 620 11.32 -17.44 -17.43
CA VAL A 620 9.93 -17.23 -17.80
C VAL A 620 9.61 -15.74 -17.85
N VAL A 621 10.60 -14.89 -17.55
CA VAL A 621 10.42 -13.45 -17.76
C VAL A 621 11.25 -12.98 -18.95
N GLN A 622 12.43 -13.57 -19.17
CA GLN A 622 13.29 -13.11 -20.25
C GLN A 622 12.92 -13.73 -21.59
N ARG A 623 12.78 -15.05 -21.63
CA ARG A 623 12.47 -15.74 -22.88
C ARG A 623 11.27 -16.66 -22.80
N GLY A 624 10.52 -16.66 -21.71
CA GLY A 624 9.43 -17.61 -21.52
C GLY A 624 8.10 -17.04 -21.93
N THR A 625 7.07 -17.32 -21.13
CA THR A 625 5.74 -16.83 -21.43
C THR A 625 5.56 -15.37 -21.05
N GLY A 626 6.39 -14.84 -20.18
CA GLY A 626 6.39 -13.44 -19.83
C GLY A 626 7.52 -12.64 -20.45
N ARG A 627 7.86 -12.90 -21.71
CA ARG A 627 8.99 -12.21 -22.32
C ARG A 627 8.67 -10.75 -22.61
N GLN A 628 7.39 -10.38 -22.59
CA GLN A 628 7.02 -9.00 -22.87
C GLN A 628 7.44 -8.06 -21.75
N LEU A 629 7.83 -8.58 -20.58
CA LEU A 629 8.44 -7.75 -19.55
C LEU A 629 9.95 -7.68 -19.74
N GLY A 630 10.56 -8.78 -20.18
CA GLY A 630 11.99 -8.79 -20.39
C GLY A 630 12.42 -7.96 -21.59
N ALA A 631 11.46 -7.47 -22.37
CA ALA A 631 11.77 -6.55 -23.45
C ALA A 631 11.57 -5.10 -23.05
N LYS A 632 11.01 -4.84 -21.87
CA LYS A 632 10.79 -3.48 -21.38
C LYS A 632 11.69 -3.11 -20.21
N TYR A 633 11.88 -4.01 -19.25
CA TYR A 633 12.78 -3.76 -18.13
C TYR A 633 13.88 -4.80 -18.11
N PRO A 634 14.76 -4.84 -19.12
CA PRO A 634 15.78 -5.89 -19.15
C PRO A 634 16.90 -5.68 -18.17
N ASN A 635 16.93 -4.56 -17.44
CA ASN A 635 18.00 -4.33 -16.49
C ASN A 635 17.62 -4.81 -15.09
N LEU A 636 16.33 -4.96 -14.81
CA LEU A 636 15.91 -5.36 -13.48
C LEU A 636 16.05 -6.85 -13.23
N HIS A 637 16.01 -7.66 -14.29
CA HIS A 637 16.06 -9.12 -14.17
C HIS A 637 14.92 -9.64 -13.31
N LEU A 638 13.69 -9.29 -13.68
CA LEU A 638 12.54 -9.71 -12.90
C LEU A 638 12.44 -11.23 -12.87
N ALA A 639 11.80 -11.74 -11.83
CA ALA A 639 11.33 -13.11 -11.79
C ALA A 639 9.82 -13.11 -11.64
N GLY A 640 9.13 -13.89 -12.46
CA GLY A 640 7.70 -13.87 -12.37
C GLY A 640 6.96 -14.96 -13.12
N LYS A 641 5.92 -15.50 -12.51
CA LYS A 641 5.09 -16.54 -13.10
C LYS A 641 3.78 -15.92 -13.56
N THR A 642 3.38 -16.19 -14.79
CA THR A 642 2.11 -15.71 -15.31
C THR A 642 1.03 -16.74 -15.10
N GLY A 643 -0.12 -16.32 -14.60
CA GLY A 643 -1.20 -17.23 -14.32
C GLY A 643 -2.36 -17.09 -15.28
N THR A 644 -2.80 -18.19 -15.87
CA THR A 644 -3.93 -18.23 -16.77
C THR A 644 -4.90 -19.31 -16.30
N THR A 645 -6.11 -19.26 -16.82
CA THR A 645 -7.15 -20.21 -16.44
C THR A 645 -7.87 -20.66 -17.71
N ASN A 646 -8.85 -21.54 -17.56
CA ASN A 646 -9.62 -22.01 -18.70
C ASN A 646 -10.64 -20.96 -19.13
N ASN A 647 -10.51 -20.51 -20.38
CA ASN A 647 -11.35 -19.46 -20.97
C ASN A 647 -11.12 -18.11 -20.27
N ASN A 648 -10.05 -18.00 -19.50
CA ASN A 648 -9.61 -16.73 -18.91
C ASN A 648 -10.62 -16.19 -17.91
N VAL A 649 -11.15 -17.05 -17.05
CA VAL A 649 -11.95 -16.57 -15.93
C VAL A 649 -11.14 -15.68 -15.00
N ASP A 650 -9.88 -16.02 -14.76
CA ASP A 650 -8.97 -15.23 -13.93
C ASP A 650 -7.62 -15.18 -14.60
N THR A 651 -6.90 -14.09 -14.38
CA THR A 651 -5.53 -13.95 -14.86
C THR A 651 -4.69 -13.27 -13.79
N TRP A 652 -3.55 -13.89 -13.47
CA TRP A 652 -2.67 -13.40 -12.42
C TRP A 652 -1.32 -13.05 -13.01
N PHE A 653 -0.48 -12.43 -12.18
CA PHE A 653 0.94 -12.31 -12.47
C PHE A 653 1.67 -12.05 -11.16
N ALA A 654 2.41 -13.05 -10.68
CA ALA A 654 3.23 -12.90 -9.48
C ALA A 654 4.65 -12.55 -9.90
N GLY A 655 5.07 -11.34 -9.63
CA GLY A 655 6.38 -10.87 -10.05
C GLY A 655 7.24 -10.50 -8.86
N ILE A 656 8.54 -10.71 -8.99
CA ILE A 656 9.51 -10.50 -7.92
C ILE A 656 10.62 -9.60 -8.43
N ASP A 657 10.92 -8.54 -7.70
CA ASP A 657 12.12 -7.74 -7.93
C ASP A 657 12.94 -7.73 -6.66
N GLY A 658 13.99 -6.90 -6.64
CA GLY A 658 15.01 -6.98 -5.61
C GLY A 658 14.50 -6.78 -4.20
N SER A 659 13.32 -6.22 -4.02
CA SER A 659 12.87 -5.83 -2.69
C SER A 659 11.51 -6.38 -2.31
N THR A 660 10.57 -6.51 -3.25
CA THR A 660 9.19 -6.83 -2.91
C THR A 660 8.63 -7.91 -3.83
N VAL A 661 7.58 -8.56 -3.37
CA VAL A 661 6.79 -9.49 -4.18
C VAL A 661 5.43 -8.86 -4.42
N THR A 662 5.00 -8.82 -5.69
CA THR A 662 3.75 -8.19 -6.08
C THR A 662 2.84 -9.23 -6.71
N ILE A 663 1.58 -9.24 -6.30
CA ILE A 663 0.57 -10.16 -6.81
C ILE A 663 -0.54 -9.35 -7.45
N THR A 664 -0.81 -9.61 -8.72
CA THR A 664 -1.84 -8.91 -9.47
C THR A 664 -2.91 -9.91 -9.91
N TRP A 665 -4.17 -9.49 -9.83
CA TRP A 665 -5.27 -10.31 -10.30
C TRP A 665 -6.17 -9.43 -11.15
N VAL A 666 -6.71 -9.99 -12.23
CA VAL A 666 -7.63 -9.27 -13.10
C VAL A 666 -8.70 -10.23 -13.59
N GLY A 667 -9.93 -9.99 -13.19
CA GLY A 667 -11.03 -10.81 -13.64
C GLY A 667 -12.34 -10.11 -13.37
N ARG A 668 -13.42 -10.73 -13.84
CA ARG A 668 -14.77 -10.18 -13.69
C ARG A 668 -15.43 -10.82 -12.47
N ASP A 669 -16.15 -9.99 -11.70
CA ASP A 669 -16.73 -10.47 -10.46
C ASP A 669 -17.84 -11.49 -10.69
N ASN A 670 -18.45 -11.49 -11.87
CA ASN A 670 -19.50 -12.45 -12.16
C ASN A 670 -19.00 -13.76 -12.75
N ASN A 671 -17.69 -14.02 -12.65
CA ASN A 671 -17.05 -15.30 -12.99
C ASN A 671 -17.14 -15.63 -14.47
N GLN A 672 -17.44 -14.68 -15.34
CA GLN A 672 -17.54 -14.97 -16.76
C GLN A 672 -16.18 -14.75 -17.43
N PRO A 673 -15.99 -15.35 -18.61
CA PRO A 673 -14.74 -15.12 -19.36
C PRO A 673 -14.46 -13.63 -19.56
N THR A 674 -13.19 -13.32 -19.82
CA THR A 674 -12.73 -11.95 -19.92
C THR A 674 -12.04 -11.60 -21.23
N LYS A 675 -11.67 -12.60 -22.05
CA LYS A 675 -10.97 -12.41 -23.32
C LYS A 675 -9.52 -11.98 -23.10
N LEU A 676 -9.14 -11.69 -21.87
CA LEU A 676 -7.77 -11.30 -21.58
C LEU A 676 -6.89 -12.51 -21.34
N TYR A 677 -5.72 -12.53 -21.96
CA TYR A 677 -4.74 -13.58 -21.77
C TYR A 677 -3.76 -13.17 -20.67
N GLY A 678 -3.28 -14.18 -19.93
CA GLY A 678 -2.47 -13.91 -18.75
C GLY A 678 -1.29 -13.00 -19.00
N ALA A 679 -0.85 -12.92 -20.26
CA ALA A 679 0.20 -11.99 -20.68
C ALA A 679 -0.35 -10.64 -21.11
N SER A 680 -1.66 -10.43 -21.03
CA SER A 680 -2.24 -9.13 -21.33
C SER A 680 -3.18 -8.62 -20.24
N GLY A 681 -3.40 -9.37 -19.18
CA GLY A 681 -4.30 -8.97 -18.12
C GLY A 681 -3.53 -8.41 -16.94
N ALA A 682 -3.32 -9.26 -15.93
CA ALA A 682 -2.59 -8.82 -14.75
C ALA A 682 -1.14 -8.45 -15.07
N MET A 683 -0.64 -8.83 -16.25
CA MET A 683 0.73 -8.48 -16.60
C MET A 683 0.85 -7.05 -17.09
N SER A 684 -0.20 -6.52 -17.73
CA SER A 684 -0.16 -5.15 -18.20
C SER A 684 -0.42 -4.17 -17.06
N ILE A 685 -1.17 -4.59 -16.05
CA ILE A 685 -1.32 -3.79 -14.84
C ILE A 685 0.01 -3.73 -14.09
N TYR A 686 0.79 -4.81 -14.15
CA TYR A 686 2.06 -4.85 -13.43
C TYR A 686 3.09 -3.93 -14.08
N GLN A 687 3.23 -3.97 -15.40
CA GLN A 687 4.21 -3.10 -16.05
C GLN A 687 3.78 -1.64 -16.06
N ARG A 688 2.65 -1.33 -15.41
CA ARG A 688 2.39 0.06 -15.04
C ARG A 688 2.88 0.35 -13.63
N TYR A 689 2.67 -0.60 -12.71
CA TYR A 689 3.12 -0.42 -11.33
C TYR A 689 4.62 -0.22 -11.26
N LEU A 690 5.37 -0.82 -12.20
CA LEU A 690 6.82 -0.62 -12.21
C LEU A 690 7.18 0.75 -12.77
N ALA A 691 6.37 1.27 -13.69
CA ALA A 691 6.69 2.54 -14.32
C ALA A 691 6.42 3.72 -13.40
N ASN A 692 5.51 3.57 -12.43
CA ASN A 692 5.18 4.65 -11.52
C ASN A 692 6.16 4.78 -10.36
N GLN A 693 7.28 4.07 -10.40
CA GLN A 693 8.30 4.18 -9.36
C GLN A 693 9.62 3.71 -9.93
N THR A 694 10.63 3.54 -9.07
CA THR A 694 11.95 3.09 -9.47
C THR A 694 12.27 1.78 -8.78
N PRO A 695 12.06 0.64 -9.42
CA PRO A 695 12.28 -0.64 -8.75
C PRO A 695 13.75 -0.91 -8.50
N THR A 696 14.00 -1.94 -7.68
CA THR A 696 15.35 -2.40 -7.36
C THR A 696 15.63 -3.68 -8.12
N PRO A 697 16.79 -3.82 -8.75
CA PRO A 697 17.05 -4.99 -9.59
C PRO A 697 17.12 -6.27 -8.76
N LEU A 698 16.78 -7.38 -9.39
CA LEU A 698 16.88 -8.68 -8.75
C LEU A 698 18.26 -9.27 -9.03
N ASN A 699 19.06 -9.47 -8.00
CA ASN A 699 20.38 -10.04 -8.11
C ASN A 699 20.42 -11.32 -7.29
N LEU A 700 20.29 -12.46 -7.95
CA LEU A 700 20.30 -13.75 -7.27
C LEU A 700 21.74 -14.10 -6.90
N VAL A 701 22.01 -14.21 -5.61
CA VAL A 701 23.31 -14.68 -5.13
C VAL A 701 23.21 -16.19 -4.93
N PRO A 702 24.08 -16.99 -5.53
CA PRO A 702 23.96 -18.44 -5.43
C PRO A 702 24.30 -18.90 -4.02
N PRO A 703 23.45 -19.74 -3.42
CA PRO A 703 23.79 -20.33 -2.12
C PRO A 703 24.93 -21.32 -2.26
N GLU A 704 25.24 -21.97 -1.15
CA GLU A 704 26.31 -22.95 -1.16
C GLU A 704 25.86 -24.24 -1.83
N ASP A 705 26.80 -24.92 -2.47
CA ASP A 705 26.66 -26.19 -3.19
C ASP A 705 26.02 -26.03 -4.57
N ILE A 706 25.74 -24.82 -5.02
CA ILE A 706 25.20 -24.61 -6.36
C ILE A 706 26.34 -24.33 -7.32
N ALA A 707 26.49 -25.18 -8.33
CA ALA A 707 27.60 -25.07 -9.26
C ALA A 707 27.09 -25.13 -10.69
N ASP A 708 27.48 -24.14 -11.48
CA ASP A 708 27.06 -24.05 -12.87
C ASP A 708 27.73 -25.14 -13.70
N MET A 709 26.94 -25.85 -14.50
CA MET A 709 27.45 -26.89 -15.38
C MET A 709 26.78 -26.75 -16.74
N GLY A 710 27.49 -27.17 -17.78
CA GLY A 710 27.04 -26.98 -19.15
C GLY A 710 26.62 -28.28 -19.82
N VAL A 711 25.62 -28.19 -20.68
CA VAL A 711 25.05 -29.35 -21.35
C VAL A 711 25.30 -29.24 -22.84
N ASP A 712 25.37 -30.38 -23.52
CA ASP A 712 25.52 -30.44 -24.96
C ASP A 712 24.15 -30.53 -25.63
N TYR A 713 24.15 -30.86 -26.91
CA TYR A 713 22.91 -30.93 -27.69
C TYR A 713 21.93 -31.92 -27.08
N ASP A 714 22.38 -33.15 -26.81
CA ASP A 714 21.52 -34.22 -26.35
C ASP A 714 21.11 -34.09 -24.89
N GLY A 715 21.41 -32.97 -24.24
CA GLY A 715 21.03 -32.79 -22.85
C GLY A 715 21.92 -33.50 -21.86
N ASN A 716 23.17 -33.78 -22.21
CA ASN A 716 24.10 -34.45 -21.31
C ASN A 716 25.12 -33.47 -20.77
N PHE A 717 25.65 -33.75 -19.59
CA PHE A 717 26.68 -32.91 -19.01
C PHE A 717 28.01 -33.15 -19.71
N VAL A 718 28.74 -32.07 -19.96
CA VAL A 718 30.04 -32.14 -20.63
C VAL A 718 31.09 -31.53 -19.72
N CYS A 719 32.36 -31.87 -19.99
CA CYS A 719 33.45 -31.40 -19.14
C CYS A 719 33.71 -29.91 -19.36
N SER A 720 33.63 -29.44 -20.60
CA SER A 720 33.90 -28.05 -20.91
C SER A 720 33.15 -27.68 -22.18
N GLY A 721 32.79 -26.40 -22.28
CA GLY A 721 32.04 -25.92 -23.42
C GLY A 721 30.55 -26.04 -23.24
N GLY A 722 29.90 -26.85 -24.07
CA GLY A 722 28.47 -27.00 -24.04
C GLY A 722 27.76 -25.81 -24.67
N MET A 723 26.56 -26.07 -25.19
CA MET A 723 25.77 -25.04 -25.84
C MET A 723 24.78 -24.38 -24.90
N ARG A 724 24.90 -24.58 -23.59
CA ARG A 724 23.92 -24.08 -22.64
C ARG A 724 24.49 -24.31 -21.23
N ILE A 725 24.24 -23.36 -20.34
CA ILE A 725 24.77 -23.42 -18.98
C ILE A 725 23.60 -23.39 -18.00
N LEU A 726 23.54 -24.39 -17.13
CA LEU A 726 22.46 -24.56 -16.16
C LEU A 726 23.05 -24.81 -14.78
N PRO A 727 22.57 -24.13 -13.75
CA PRO A 727 23.04 -24.43 -12.39
C PRO A 727 22.59 -25.80 -11.96
N VAL A 728 23.37 -26.42 -11.07
CA VAL A 728 23.10 -27.77 -10.62
C VAL A 728 23.48 -27.86 -9.14
N TRP A 729 22.54 -28.33 -8.32
CA TRP A 729 22.76 -28.51 -6.89
C TRP A 729 23.57 -29.79 -6.70
N THR A 730 24.90 -29.65 -6.65
CA THR A 730 25.76 -30.81 -6.45
C THR A 730 26.99 -30.38 -5.68
N SER A 731 27.41 -31.20 -4.71
CA SER A 731 28.58 -30.90 -3.90
C SER A 731 29.87 -31.41 -4.51
N ASP A 732 29.80 -32.10 -5.65
CA ASP A 732 30.97 -32.57 -6.38
C ASP A 732 30.71 -32.35 -7.85
N PRO A 733 31.09 -31.20 -8.39
CA PRO A 733 30.72 -30.86 -9.77
C PRO A 733 31.31 -31.78 -10.83
N GLN A 734 32.01 -32.83 -10.40
CA GLN A 734 32.56 -33.81 -11.33
C GLN A 734 31.54 -34.86 -11.74
N SER A 735 30.25 -34.58 -11.57
CA SER A 735 29.21 -35.44 -12.13
C SER A 735 29.32 -35.53 -13.64
N LEU A 736 29.89 -34.50 -14.27
CA LEU A 736 30.03 -34.49 -15.72
C LEU A 736 31.07 -35.50 -16.20
N CYS A 737 32.02 -35.86 -15.34
CA CYS A 737 32.99 -36.89 -15.71
C CYS A 737 32.31 -38.23 -15.94
N GLN A 738 31.25 -38.50 -15.15
CA GLN A 738 30.53 -39.76 -15.30
C GLN A 738 29.55 -39.72 -16.46
N GLN A 739 28.99 -38.54 -16.76
CA GLN A 739 27.99 -38.45 -17.81
C GLN A 739 28.60 -38.13 -19.17
N SER A 740 29.85 -37.66 -19.22
CA SER A 740 30.51 -37.50 -20.51
C SER A 740 30.88 -38.85 -21.11
N GLU A 741 31.34 -39.78 -20.28
CA GLU A 741 31.74 -41.10 -20.76
C GLU A 741 30.53 -41.95 -21.14
#